data_8BRT
#
_entry.id   8BRT
#
_cell.length_a   61.314
_cell.length_b   101.221
_cell.length_c   139.493
_cell.angle_alpha   90.00
_cell.angle_beta   90.00
_cell.angle_gamma   90.00
#
_symmetry.space_group_name_H-M   'P 21 21 21'
#
loop_
_entity.id
_entity.type
_entity.pdbx_description
1 polymer 'Penicillin G acylase'
2 polymer 'Penicillin G acylase'
3 non-polymer '4-(2-HYDROXYETHYL)-1-PIPERAZINE ETHANESULFONIC ACID'
4 non-polymer (R,R)-2,3-BUTANEDIOL
5 non-polymer 'CALCIUM ION'
6 water water
#
loop_
_entity_poly.entity_id
_entity_poly.type
_entity_poly.pdbx_seq_one_letter_code
_entity_poly.pdbx_strand_id
1 'polypeptide(L)'
;KDQKKVENVTIIRDSYGVPHLYAKNKKDLYKAYGYVMAQDRLFQLEMFRRGNEGTVSEIFGEEYVTKDEQSRRDGYSDQE
IQTMLNGLDRETKQLIEQFAEGITAYVNEAVKAPDQKLSKEFHDYGFLPRKWKATDVVRLYMVSMTYFMDNHQELKNAEI
LARLERVYGKEKAVKMFDDLVWKNDLEAPTSIQPDDQTDIAAAGKTSIQPFS
;
A
2 'polypeptide(L)'
;SNAMIIGAKKSKSANALLFSGPQVGFVAPGFLYEVGLHSPGFDMEGSGFIGYPFIMFGANQHLALTATAGYGNVTDIFEE
KLNPANSTQYFYKGKWRNMEKRTETFIVRGEDGKSKKIEETFFHTVHGPVISLDAAANVAYSKSWSFRGTEAKSIQAYMK
ANWAKNVKEFQQAASEFTMSLNWYYADKKGNIAYYHVGKYPIRSNQIDDRFPTPGTGEYEWKGFQSFAKNPQAINPKKGY
VVNWNNKPSKYWRNGEYSIVWGKDNRVQQFINGIEARGKVDLKDLNEINYTASFAQLRTHYFKPLLIKTLEKYQSENKEY
AYLVEQLRKWNNLKEDKNHDGYYDAGVAAFFDEWWNNTHDKLFNDSLGIVSDLTREITDHRMGATLAYKVLSGEPTNYQW
KSAAAAEKIILESTDEALAKLHKEKGEEADKWRAPIKTMTFGAKSLIAIPHGYGSKTEIIEMNRGSENHYIEMTPKQPEG
FNVTPPGQIGFIHKDGTLSEHYEDQLSLYANWKFKPFLFDKKDVKRASVSVSEFNARK
;
B
#
loop_
_chem_comp.id
_chem_comp.type
_chem_comp.name
_chem_comp.formula
BU3 non-polymer (R,R)-2,3-BUTANEDIOL 'C4 H10 O2'
CA non-polymer 'CALCIUM ION' 'Ca 2'
EPE non-polymer '4-(2-HYDROXYETHYL)-1-PIPERAZINE ETHANESULFONIC ACID' 'C8 H18 N2 O4 S'
#
# COMPACT_ATOMS: atom_id res chain seq x y z
N GLN A 3 -9.00 32.62 9.37
CA GLN A 3 -7.65 32.87 9.85
C GLN A 3 -7.63 33.18 11.36
N LYS A 4 -6.66 32.61 12.06
CA LYS A 4 -6.52 32.74 13.49
C LYS A 4 -5.05 32.55 13.86
N LYS A 5 -4.59 33.25 14.88
CA LYS A 5 -3.18 33.14 15.28
C LYS A 5 -2.99 32.29 16.53
N GLU A 7 -0.65 30.70 18.61
CA GLU A 7 0.61 31.16 19.17
C GLU A 7 1.25 32.20 18.24
N ASN A 8 2.44 31.88 17.71
CA ASN A 8 3.10 32.72 16.74
C ASN A 8 2.82 32.28 15.30
N VAL A 9 1.86 31.38 15.10
CA VAL A 9 1.61 30.78 13.79
C VAL A 9 0.21 31.18 13.35
N THR A 10 0.11 31.75 12.15
CA THR A 10 -1.20 32.02 11.58
C THR A 10 -1.73 30.76 10.89
N ILE A 11 -2.95 30.39 11.22
CA ILE A 11 -3.60 29.20 10.69
C ILE A 11 -4.81 29.67 9.88
N ILE A 12 -4.79 29.42 8.57
CA ILE A 12 -5.91 29.72 7.69
C ILE A 12 -6.57 28.41 7.33
N ARG A 13 -7.82 28.25 7.70
CA ARG A 13 -8.63 27.10 7.35
C ARG A 13 -9.43 27.44 6.10
N ASP A 14 -9.24 26.69 5.03
CA ASP A 14 -9.93 26.97 3.78
C ASP A 14 -11.36 26.40 3.82
N SER A 15 -12.08 26.51 2.70
CA SER A 15 -13.50 26.13 2.70
C SER A 15 -13.73 24.64 2.82
N TYR A 16 -12.68 23.82 2.68
CA TYR A 16 -12.78 22.39 2.98
C TYR A 16 -12.25 22.06 4.36
N GLY A 17 -11.89 23.07 5.14
CA GLY A 17 -11.32 22.86 6.44
C GLY A 17 -9.84 22.54 6.47
N VAL A 18 -9.15 22.58 5.34
CA VAL A 18 -7.72 22.27 5.34
C VAL A 18 -6.96 23.40 6.00
N PRO A 19 -6.07 23.12 6.95
CA PRO A 19 -5.31 24.18 7.60
C PRO A 19 -4.03 24.50 6.84
N HIS A 20 -3.78 25.80 6.66
CA HIS A 20 -2.58 26.31 6.01
C HIS A 20 -1.84 27.13 7.05
N LEU A 21 -0.61 26.72 7.37
CA LEU A 21 0.12 27.22 8.52
C LEU A 21 1.22 28.16 8.06
N TYR A 22 1.25 29.35 8.65
CA TYR A 22 2.23 30.39 8.32
C TYR A 22 3.03 30.72 9.57
N ALA A 23 4.29 30.28 9.57
CA ALA A 23 5.15 30.37 10.74
C ALA A 23 6.42 31.14 10.40
N LYS A 24 7.08 31.65 11.45
CA LYS A 24 8.31 32.41 11.28
C LYS A 24 9.54 31.51 11.30
N ASN A 25 9.39 30.25 11.71
CA ASN A 25 10.49 29.31 11.79
C ASN A 25 9.90 27.91 11.86
N LYS A 26 10.76 26.91 11.69
CA LYS A 26 10.28 25.53 11.64
C LYS A 26 9.84 25.04 13.02
N LYS A 27 10.49 25.43 14.10
CA LYS A 27 10.07 24.97 15.41
C LYS A 27 8.61 25.31 15.67
N ASP A 28 8.22 26.56 15.36
CA ASP A 28 6.83 26.96 15.54
C ASP A 28 5.92 26.22 14.56
N LEU A 29 6.38 26.05 13.31
CA LEU A 29 5.57 25.39 12.29
C LEU A 29 5.20 23.98 12.68
N TYR A 30 6.18 23.20 13.12
CA TYR A 30 5.94 21.79 13.43
C TYR A 30 5.08 21.62 14.67
N LYS A 31 5.17 22.52 15.64
CA LYS A 31 4.24 22.47 16.76
C LYS A 31 2.81 22.72 16.27
N ALA A 32 2.63 23.72 15.42
CA ALA A 32 1.29 23.99 14.89
C ALA A 32 0.76 22.82 14.07
N TYR A 33 1.65 22.14 13.36
CA TYR A 33 1.29 20.99 12.54
C TYR A 33 0.71 19.89 13.41
N GLY A 34 1.38 19.56 14.52
CA GLY A 34 0.81 18.57 15.42
C GLY A 34 -0.48 19.01 16.05
N TYR A 35 -0.57 20.31 16.38
CA TYR A 35 -1.77 20.86 17.01
C TYR A 35 -2.99 20.73 16.11
N VAL A 36 -2.88 21.18 14.85
CA VAL A 36 -4.05 21.13 13.98
C VAL A 36 -4.43 19.69 13.68
N MET A 37 -3.44 18.80 13.56
CA MET A 37 -3.76 17.39 13.33
C MET A 37 -4.53 16.80 14.50
N ALA A 38 -4.14 17.15 15.73
CA ALA A 38 -4.86 16.68 16.91
C ALA A 38 -6.24 17.31 17.01
N GLN A 39 -6.36 18.61 16.72
CA GLN A 39 -7.68 19.23 16.70
C GLN A 39 -8.62 18.45 15.80
N ASP A 40 -8.12 18.00 14.66
CA ASP A 40 -8.96 17.36 13.65
C ASP A 40 -9.13 15.85 13.85
N ARG A 41 -8.17 15.19 14.51
CA ARG A 41 -8.05 13.74 14.43
C ARG A 41 -7.63 13.07 15.73
N LEU A 42 -7.89 13.68 16.89
CA LEU A 42 -7.25 13.17 18.12
C LEU A 42 -7.59 11.71 18.40
N PHE A 43 -8.87 11.32 18.28
CA PHE A 43 -9.20 9.93 18.60
C PHE A 43 -8.50 8.96 17.66
N GLN A 44 -8.43 9.33 16.37
CA GLN A 44 -7.70 8.51 15.41
C GLN A 44 -6.23 8.38 15.80
N LEU A 45 -5.59 9.50 16.12
CA LEU A 45 -4.20 9.45 16.55
C LEU A 45 -4.02 8.56 17.77
N GLU A 46 -4.90 8.70 18.76
CA GLU A 46 -4.83 7.89 19.97
C GLU A 46 -4.90 6.41 19.63
N MET A 47 -5.85 6.05 18.76
CA MET A 47 -6.02 4.63 18.46
C MET A 47 -4.89 4.08 17.61
N PHE A 48 -4.37 4.86 16.66
CA PHE A 48 -3.21 4.42 15.90
C PHE A 48 -2.02 4.17 16.82
N ARG A 49 -1.82 5.04 17.80
CA ARG A 49 -0.74 4.85 18.75
C ARG A 49 -0.96 3.56 19.55
N ARG A 50 -2.18 3.36 20.05
CA ARG A 50 -2.52 2.14 20.77
C ARG A 50 -2.31 0.92 19.90
N GLY A 51 -2.58 1.01 18.59
CA GLY A 51 -2.29 -0.10 17.71
C GLY A 51 -0.82 -0.50 17.78
N ASN A 52 0.07 0.49 17.70
CA ASN A 52 1.50 0.19 17.72
C ASN A 52 1.95 -0.31 19.08
N GLU A 53 1.40 0.25 20.16
CA GLU A 53 1.78 -0.14 21.52
C GLU A 53 1.16 -1.45 21.95
N GLY A 54 0.20 -1.96 21.19
CA GLY A 54 -0.52 -3.14 21.62
C GLY A 54 -1.42 -2.93 22.81
N THR A 55 -2.14 -1.80 22.86
CA THR A 55 -3.06 -1.51 23.97
C THR A 55 -4.48 -1.29 23.48
N VAL A 56 -4.81 -1.77 22.28
CA VAL A 56 -6.16 -1.59 21.75
C VAL A 56 -7.18 -2.36 22.58
N SER A 57 -6.81 -3.53 23.09
CA SER A 57 -7.74 -4.36 23.85
C SER A 57 -8.15 -3.72 25.18
N GLU A 58 -7.40 -2.73 25.67
CA GLU A 58 -7.85 -1.94 26.81
C GLU A 58 -9.16 -1.20 26.51
N ILE A 59 -9.40 -0.91 25.24
CA ILE A 59 -10.56 -0.13 24.81
C ILE A 59 -11.63 -1.01 24.17
N PHE A 60 -11.22 -1.92 23.29
CA PHE A 60 -12.12 -2.67 22.44
C PHE A 60 -12.20 -4.15 22.79
N GLY A 61 -11.49 -4.61 23.80
CA GLY A 61 -11.73 -5.94 24.34
C GLY A 61 -10.92 -7.06 23.71
N GLU A 62 -11.36 -8.28 24.04
CA GLU A 62 -10.58 -9.48 23.74
C GLU A 62 -10.43 -9.73 22.25
N GLU A 63 -11.32 -9.18 21.42
CA GLU A 63 -11.21 -9.39 19.98
C GLU A 63 -9.88 -8.88 19.41
N TYR A 64 -9.18 -8.02 20.14
CA TYR A 64 -7.95 -7.40 19.66
C TYR A 64 -6.72 -7.87 20.43
N VAL A 65 -6.85 -8.90 21.25
CA VAL A 65 -5.71 -9.37 22.05
C VAL A 65 -4.61 -9.93 21.15
N THR A 66 -4.96 -10.78 20.19
CA THR A 66 -3.91 -11.37 19.36
C THR A 66 -3.24 -10.31 18.49
N LYS A 67 -3.98 -9.30 18.07
CA LYS A 67 -3.40 -8.19 17.32
C LYS A 67 -2.42 -7.40 18.17
N ASP A 68 -2.81 -7.10 19.43
CA ASP A 68 -1.92 -6.42 20.34
C ASP A 68 -0.67 -7.25 20.60
N GLU A 69 -0.84 -8.57 20.70
CA GLU A 69 0.32 -9.43 20.93
C GLU A 69 1.28 -9.37 19.75
N GLN A 70 0.76 -9.43 18.53
CA GLN A 70 1.63 -9.33 17.36
C GLN A 70 2.37 -8.00 17.36
N SER A 71 1.67 -6.91 17.68
CA SER A 71 2.30 -5.59 17.66
C SER A 71 3.41 -5.50 18.67
N ARG A 72 3.20 -6.05 19.86
CA ARG A 72 4.26 -6.03 20.86
C ARG A 72 5.37 -6.98 20.51
N ARG A 73 5.04 -8.14 19.94
CA ARG A 73 6.08 -9.09 19.57
C ARG A 73 7.09 -8.47 18.62
N ASP A 74 6.63 -7.72 17.63
CA ASP A 74 7.49 -7.24 16.56
C ASP A 74 7.92 -5.80 16.77
N GLY A 75 7.50 -5.16 17.86
CA GLY A 75 7.70 -3.75 18.06
C GLY A 75 8.92 -3.43 18.90
N TYR A 76 8.93 -2.20 19.41
CA TYR A 76 10.08 -1.64 20.10
C TYR A 76 9.63 -1.05 21.43
N SER A 77 10.56 -1.04 22.39
CA SER A 77 10.31 -0.34 23.64
C SER A 77 10.46 1.16 23.44
N ASP A 78 9.94 1.92 24.40
CA ASP A 78 10.14 3.36 24.39
C ASP A 78 11.63 3.68 24.36
N GLN A 79 12.44 2.98 25.15
CA GLN A 79 13.87 3.28 25.17
C GLN A 79 14.50 3.02 23.80
N GLU A 80 14.12 1.94 23.13
CA GLU A 80 14.66 1.66 21.81
C GLU A 80 14.30 2.78 20.83
N ILE A 81 13.07 3.27 20.92
CA ILE A 81 12.66 4.37 20.03
C ILE A 81 13.42 5.64 20.39
N GLN A 82 13.62 5.89 21.68
CA GLN A 82 14.37 7.07 22.07
C GLN A 82 15.80 7.02 21.54
N THR A 83 16.42 5.82 21.55
CA THR A 83 17.74 5.68 20.94
C THR A 83 17.71 6.03 19.46
N MET A 84 16.65 5.63 18.75
CA MET A 84 16.52 6.01 17.35
C MET A 84 16.49 7.53 17.21
N LEU A 85 15.68 8.19 18.01
CA LEU A 85 15.56 9.65 17.92
C LEU A 85 16.87 10.34 18.24
N ASN A 86 17.63 9.78 19.19
CA ASN A 86 18.91 10.37 19.55
C ASN A 86 19.94 10.24 18.44
N GLY A 87 19.75 9.32 17.51
CA GLY A 87 20.63 9.19 16.37
C GLY A 87 20.32 10.10 15.21
N LEU A 88 19.25 10.88 15.30
CA LEU A 88 18.91 11.80 14.23
C LEU A 88 19.72 13.09 14.36
N ASP A 89 19.71 13.88 13.29
CA ASP A 89 20.23 15.24 13.38
C ASP A 89 19.48 15.97 14.48
N ARG A 90 20.22 16.76 15.23
CA ARG A 90 19.66 17.48 16.37
C ARG A 90 18.39 18.24 15.99
N GLU A 91 18.44 19.01 14.90
CA GLU A 91 17.28 19.83 14.53
C GLU A 91 16.08 18.95 14.23
N THR A 92 16.30 17.81 13.59
CA THR A 92 15.19 16.96 13.19
C THR A 92 14.50 16.37 14.42
N LYS A 93 15.30 15.86 15.36
CA LYS A 93 14.72 15.38 16.61
C LYS A 93 13.90 16.48 17.27
N GLN A 94 14.43 17.70 17.31
CA GLN A 94 13.71 18.79 17.96
C GLN A 94 12.38 19.09 17.28
N LEU A 95 12.32 18.98 15.96
CA LEU A 95 11.06 19.23 15.26
C LEU A 95 10.04 18.14 15.53
N ILE A 96 10.49 16.89 15.66
CA ILE A 96 9.58 15.82 16.03
C ILE A 96 9.05 16.06 17.44
N GLU A 97 9.92 16.52 18.35
CA GLU A 97 9.48 16.92 19.68
C GLU A 97 8.46 18.05 19.65
N GLN A 98 8.67 19.06 18.80
CA GLN A 98 7.71 20.13 18.65
C GLN A 98 6.37 19.62 18.16
N PHE A 99 6.39 18.71 17.19
CA PHE A 99 5.16 18.11 16.68
C PHE A 99 4.41 17.41 17.81
N ALA A 100 5.11 16.63 18.63
CA ALA A 100 4.47 15.98 19.77
C ALA A 100 3.95 16.99 20.80
N GLU A 101 4.69 18.08 20.99
CA GLU A 101 4.22 19.14 21.89
C GLU A 101 2.94 19.78 21.38
N GLY A 102 2.80 19.89 20.06
CA GLY A 102 1.55 20.42 19.49
C GLY A 102 0.38 19.49 19.71
N ILE A 103 0.58 18.19 19.49
CA ILE A 103 -0.47 17.22 19.81
C ILE A 103 -0.84 17.35 21.28
N THR A 104 0.16 17.39 22.15
CA THR A 104 -0.09 17.47 23.58
C THR A 104 -0.81 18.74 23.96
N ALA A 105 -0.50 19.86 23.29
CA ALA A 105 -1.21 21.10 23.58
C ALA A 105 -2.70 20.92 23.36
N TYR A 106 -3.10 20.24 22.27
CA TYR A 106 -4.53 19.98 22.08
C TYR A 106 -5.07 19.00 23.11
N VAL A 107 -4.32 17.93 23.43
CA VAL A 107 -4.77 17.01 24.48
C VAL A 107 -5.07 17.77 25.77
N ASN A 108 -4.17 18.67 26.16
CA ASN A 108 -4.34 19.40 27.42
C ASN A 108 -5.58 20.29 27.36
N GLU A 109 -5.79 20.93 26.21
CA GLU A 109 -7.02 21.70 26.00
C GLU A 109 -8.26 20.82 26.08
N ALA A 110 -8.21 19.63 25.49
CA ALA A 110 -9.39 18.79 25.42
C ALA A 110 -9.78 18.19 26.77
N VAL A 111 -8.79 17.79 27.57
CA VAL A 111 -9.07 17.22 28.88
C VAL A 111 -9.57 18.28 29.85
N LYS A 112 -9.23 19.54 29.61
CA LYS A 112 -9.73 20.61 30.46
C LYS A 112 -11.16 21.02 30.09
N ALA A 113 -11.57 20.83 28.84
CA ALA A 113 -12.93 21.15 28.39
C ALA A 113 -13.48 19.96 27.63
N PRO A 114 -13.63 18.81 28.29
CA PRO A 114 -13.87 17.57 27.53
C PRO A 114 -15.21 17.57 26.84
N ASP A 115 -16.22 18.20 27.41
CA ASP A 115 -17.54 18.13 26.82
C ASP A 115 -17.58 18.86 25.49
N GLN A 116 -16.71 19.86 25.31
CA GLN A 116 -16.67 20.60 24.05
C GLN A 116 -15.55 20.17 23.12
N LYS A 117 -14.44 19.64 23.64
CA LYS A 117 -13.25 19.45 22.82
C LYS A 117 -12.78 18.01 22.73
N LEU A 118 -13.34 17.10 23.51
CA LEU A 118 -13.03 15.68 23.39
C LEU A 118 -14.12 15.03 22.56
N SER A 119 -13.71 14.31 21.52
CA SER A 119 -14.70 13.79 20.59
C SER A 119 -15.51 12.66 21.20
N LYS A 120 -16.62 12.37 20.52
CA LYS A 120 -17.63 11.47 21.03
C LYS A 120 -17.08 10.10 21.40
N GLU A 121 -16.14 9.58 20.61
CA GLU A 121 -15.64 8.23 20.87
C GLU A 121 -14.98 8.14 22.25
N PHE A 122 -14.28 9.18 22.68
CA PHE A 122 -13.70 9.14 24.02
C PHE A 122 -14.78 9.09 25.09
N HIS A 123 -15.84 9.88 24.92
CA HIS A 123 -16.94 9.88 25.87
C HIS A 123 -17.63 8.53 25.88
N ASP A 124 -17.89 7.99 24.70
CA ASP A 124 -18.64 6.74 24.62
C ASP A 124 -17.83 5.56 25.15
N TYR A 125 -16.52 5.52 24.85
N TYR A 125 -16.53 5.52 24.88
CA TYR A 125 -15.67 4.43 25.32
CA TYR A 125 -15.70 4.42 25.36
C TYR A 125 -15.14 4.65 26.73
C TYR A 125 -15.08 4.68 26.72
N GLY A 126 -15.37 5.83 27.32
CA GLY A 126 -15.02 6.07 28.71
C GLY A 126 -13.55 6.07 29.01
N PHE A 127 -12.78 6.83 28.26
CA PHE A 127 -11.39 7.04 28.60
C PHE A 127 -10.91 8.38 28.05
N LEU A 128 -9.73 8.79 28.52
CA LEU A 128 -9.14 10.07 28.19
C LEU A 128 -7.87 9.89 27.39
N PRO A 129 -7.57 10.82 26.51
CA PRO A 129 -6.30 10.78 25.76
C PRO A 129 -5.12 11.09 26.65
N ARG A 130 -3.99 10.44 26.40
CA ARG A 130 -2.79 10.77 27.15
C ARG A 130 -1.92 11.77 26.38
N LYS A 131 -0.98 12.37 27.10
CA LYS A 131 -0.03 13.29 26.48
C LYS A 131 0.96 12.52 25.59
N TRP A 132 1.60 13.24 24.67
CA TRP A 132 2.47 12.65 23.67
C TRP A 132 3.92 13.06 23.87
N LYS A 133 4.79 12.14 23.48
CA LYS A 133 6.23 12.37 23.40
C LYS A 133 6.69 12.09 21.97
N ALA A 134 7.92 12.49 21.65
CA ALA A 134 8.43 12.23 20.31
C ALA A 134 8.45 10.74 20.00
N THR A 135 8.71 9.88 20.99
CA THR A 135 8.68 8.44 20.69
C THR A 135 7.32 8.01 20.13
N ASP A 136 6.25 8.64 20.62
CA ASP A 136 4.89 8.29 20.16
C ASP A 136 4.69 8.69 18.70
N VAL A 137 5.37 9.75 18.25
CA VAL A 137 5.31 10.12 16.85
C VAL A 137 5.94 9.04 15.97
N VAL A 138 7.08 8.49 16.42
CA VAL A 138 7.69 7.40 15.69
C VAL A 138 6.73 6.19 15.65
N ARG A 139 6.01 5.95 16.73
CA ARG A 139 5.04 4.85 16.74
C ARG A 139 3.96 5.04 15.68
N LEU A 140 3.52 6.28 15.48
CA LEU A 140 2.50 6.57 14.46
C LEU A 140 3.05 6.27 13.07
N TYR A 141 4.34 6.54 12.84
CA TYR A 141 4.95 6.19 11.57
C TYR A 141 5.01 4.69 11.40
N MET A 142 5.46 3.99 12.44
CA MET A 142 5.67 2.56 12.31
C MET A 142 4.38 1.77 12.12
N VAL A 143 3.30 2.19 12.77
CA VAL A 143 2.08 1.39 12.75
C VAL A 143 1.55 1.23 11.33
N SER A 144 1.70 2.26 10.50
CA SER A 144 1.21 2.19 9.12
C SER A 144 2.30 1.84 8.12
N MET A 145 3.50 2.42 8.21
CA MET A 145 4.47 2.19 7.15
C MET A 145 4.97 0.74 7.15
N THR A 146 5.14 0.15 8.32
CA THR A 146 5.71 -1.18 8.40
C THR A 146 4.79 -2.21 7.75
N TYR A 147 3.47 -1.95 7.73
CA TYR A 147 2.51 -2.84 7.07
C TYR A 147 2.90 -3.13 5.63
N PHE A 148 3.45 -2.13 4.92
CA PHE A 148 3.80 -2.30 3.51
C PHE A 148 5.13 -3.00 3.29
N MET A 149 5.85 -3.31 4.36
CA MET A 149 7.17 -3.91 4.28
C MET A 149 7.25 -5.30 4.84
N ASP A 150 6.31 -5.66 5.68
CA ASP A 150 6.42 -6.82 6.55
C ASP A 150 5.59 -7.94 5.95
N ASN A 151 6.22 -9.08 5.71
CA ASN A 151 5.40 -10.22 5.30
C ASN A 151 6.14 -11.49 5.63
N HIS A 152 5.36 -12.56 5.69
CA HIS A 152 5.88 -13.89 6.00
C HIS A 152 5.76 -14.83 4.79
N GLN A 153 5.79 -14.28 3.58
CA GLN A 153 5.64 -15.13 2.40
C GLN A 153 6.69 -16.23 2.33
N GLU A 154 7.89 -16.02 2.88
CA GLU A 154 8.88 -17.10 2.87
C GLU A 154 8.34 -18.36 3.53
N LEU A 155 7.59 -18.19 4.62
CA LEU A 155 7.02 -19.33 5.33
C LEU A 155 5.91 -19.98 4.53
N LYS A 156 5.05 -19.17 3.90
CA LYS A 156 4.04 -19.75 3.02
C LYS A 156 4.68 -20.53 1.89
N ASN A 157 5.78 -20.00 1.33
CA ASN A 157 6.44 -20.68 0.22
C ASN A 157 7.01 -22.02 0.67
N ALA A 158 7.65 -22.04 1.83
CA ALA A 158 8.17 -23.30 2.36
C ALA A 158 7.05 -24.32 2.52
N GLU A 159 5.87 -23.88 2.97
CA GLU A 159 4.73 -24.78 3.16
C GLU A 159 4.19 -25.26 1.83
N ILE A 160 4.07 -24.37 0.84
CA ILE A 160 3.64 -24.79 -0.49
C ILE A 160 4.55 -25.89 -1.01
N LEU A 161 5.85 -25.64 -1.01
CA LEU A 161 6.79 -26.61 -1.55
C LEU A 161 6.72 -27.93 -0.79
N ALA A 162 6.64 -27.88 0.54
CA ALA A 162 6.63 -29.11 1.32
C ALA A 162 5.39 -29.93 1.03
N ARG A 163 4.23 -29.26 0.89
N ARG A 163 4.23 -29.30 0.94
CA ARG A 163 2.97 -29.96 0.67
CA ARG A 163 3.02 -30.04 0.65
C ARG A 163 2.83 -30.48 -0.76
C ARG A 163 3.05 -30.61 -0.77
N LEU A 164 3.48 -29.81 -1.73
CA LEU A 164 3.60 -30.34 -3.08
C LEU A 164 4.54 -31.55 -3.12
N GLU A 165 5.70 -31.44 -2.44
CA GLU A 165 6.68 -32.51 -2.47
C GLU A 165 6.13 -33.79 -1.87
N ARG A 166 5.36 -33.70 -0.79
CA ARG A 166 4.93 -34.91 -0.11
C ARG A 166 3.92 -35.73 -0.92
N VAL A 167 3.26 -35.13 -1.92
N VAL A 167 3.29 -35.13 -1.93
CA VAL A 167 2.35 -35.86 -2.78
CA VAL A 167 2.33 -35.83 -2.77
C VAL A 167 2.96 -36.14 -4.15
C VAL A 167 2.81 -36.04 -4.19
N TYR A 168 3.71 -35.19 -4.70
CA TYR A 168 4.17 -35.27 -6.08
C TYR A 168 5.64 -35.62 -6.25
N GLY A 169 6.41 -35.62 -5.18
CA GLY A 169 7.83 -35.82 -5.29
C GLY A 169 8.58 -34.54 -5.58
N LYS A 170 9.90 -34.58 -5.38
CA LYS A 170 10.71 -33.36 -5.38
C LYS A 170 10.79 -32.73 -6.76
N GLU A 171 11.05 -33.53 -7.79
CA GLU A 171 11.32 -32.96 -9.09
C GLU A 171 10.11 -32.23 -9.64
N LYS A 172 8.92 -32.81 -9.49
CA LYS A 172 7.71 -32.16 -9.95
C LYS A 172 7.37 -30.97 -9.08
N ALA A 173 7.51 -31.10 -7.77
CA ALA A 173 7.20 -29.99 -6.87
C ALA A 173 8.07 -28.78 -7.19
N VAL A 174 9.34 -28.99 -7.51
CA VAL A 174 10.24 -27.87 -7.81
C VAL A 174 9.77 -27.16 -9.07
N LYS A 175 9.43 -27.92 -10.12
CA LYS A 175 8.94 -27.29 -11.33
C LYS A 175 7.66 -26.49 -11.07
N MET A 176 6.71 -27.07 -10.34
CA MET A 176 5.48 -26.36 -10.04
C MET A 176 5.76 -25.11 -9.25
N PHE A 177 6.61 -25.22 -8.22
CA PHE A 177 6.91 -24.06 -7.40
C PHE A 177 7.56 -22.95 -8.22
N ASP A 178 8.45 -23.32 -9.15
CA ASP A 178 9.12 -22.31 -9.97
C ASP A 178 8.13 -21.55 -10.86
N ASP A 179 7.00 -22.15 -11.21
CA ASP A 179 5.95 -21.46 -11.93
C ASP A 179 5.08 -20.62 -11.02
N LEU A 180 4.97 -20.99 -9.76
CA LEU A 180 4.12 -20.27 -8.81
C LEU A 180 4.83 -19.03 -8.29
N VAL A 181 6.10 -19.17 -7.88
CA VAL A 181 6.89 -18.07 -7.32
C VAL A 181 8.20 -18.10 -8.09
N TRP A 182 8.28 -17.31 -9.15
CA TRP A 182 9.42 -17.35 -10.06
C TRP A 182 10.60 -16.58 -9.50
N LYS A 183 11.79 -16.93 -10.00
CA LYS A 183 12.99 -16.17 -9.66
C LYS A 183 12.99 -14.79 -10.34
N ASN A 184 12.62 -14.72 -11.61
CA ASN A 184 12.56 -13.45 -12.31
C ASN A 184 11.80 -13.62 -13.61
N ASP A 185 10.67 -12.94 -13.74
CA ASP A 185 9.90 -12.98 -14.97
C ASP A 185 10.40 -11.84 -15.84
N LEU A 186 11.19 -12.18 -16.84
CA LEU A 186 11.86 -11.18 -17.66
C LEU A 186 10.90 -10.36 -18.48
N GLU A 187 9.66 -10.82 -18.63
CA GLU A 187 8.65 -10.12 -19.39
C GLU A 187 7.74 -9.25 -18.52
N ALA A 188 7.95 -9.23 -17.21
CA ALA A 188 7.12 -8.41 -16.36
C ALA A 188 7.32 -6.93 -16.70
N PRO A 189 6.24 -6.15 -16.81
CA PRO A 189 6.40 -4.72 -17.12
C PRO A 189 7.16 -4.01 -16.03
N THR A 190 8.02 -3.10 -16.41
CA THR A 190 8.89 -2.40 -15.50
C THR A 190 8.70 -0.88 -15.61
N SER A 191 9.01 -0.19 -14.53
CA SER A 191 8.85 1.26 -14.52
C SER A 191 9.96 1.96 -15.27
N ILE A 192 11.20 1.43 -15.27
CA ILE A 192 12.29 2.00 -16.05
C ILE A 192 12.96 0.89 -16.84
N GLN A 193 13.78 1.30 -17.83
CA GLN A 193 14.57 0.36 -18.63
C GLN A 193 15.99 0.28 -18.09
N PRO A 194 16.70 -0.84 -18.31
CA PRO A 194 18.06 -0.96 -17.75
C PRO A 194 18.99 0.16 -18.18
N ASP A 195 18.88 0.65 -19.41
CA ASP A 195 19.74 1.75 -19.86
C ASP A 195 19.37 3.09 -19.26
N ASP A 196 18.26 3.19 -18.50
CA ASP A 196 17.92 4.42 -17.82
C ASP A 196 18.62 4.57 -16.48
N GLN A 197 19.16 3.48 -15.94
CA GLN A 197 19.74 3.48 -14.61
C GLN A 197 20.89 4.47 -14.52
N THR A 198 20.94 5.22 -13.41
CA THR A 198 21.95 6.25 -13.21
C THR A 198 23.36 5.67 -13.09
N SER B 1 -1.14 1.08 -4.96
CA SER B 1 -0.94 2.52 -5.22
C SER B 1 -0.39 2.72 -6.60
N ASN B 2 -0.82 3.78 -7.26
CA ASN B 2 -0.33 4.11 -8.58
C ASN B 2 0.24 5.53 -8.60
N ALA B 3 1.04 5.80 -9.61
CA ALA B 3 1.73 7.08 -9.75
C ALA B 3 2.13 7.24 -11.21
N MET B 4 2.20 8.49 -11.64
CA MET B 4 2.79 8.81 -12.94
C MET B 4 3.58 10.10 -12.80
N ILE B 5 4.70 10.17 -13.52
CA ILE B 5 5.45 11.41 -13.68
C ILE B 5 5.73 11.56 -15.17
N ILE B 6 5.51 12.78 -15.67
CA ILE B 6 5.57 13.08 -17.10
C ILE B 6 6.62 14.18 -17.28
N GLY B 7 7.63 13.91 -18.12
CA GLY B 7 8.64 14.91 -18.41
C GLY B 7 8.17 15.97 -19.40
N ALA B 8 9.01 16.98 -19.57
CA ALA B 8 8.63 18.14 -20.40
C ALA B 8 8.30 17.75 -21.82
N LYS B 9 9.03 16.79 -22.39
CA LYS B 9 8.80 16.46 -23.80
C LYS B 9 7.50 15.71 -24.04
N LYS B 10 6.96 15.05 -23.02
CA LYS B 10 5.70 14.30 -23.14
C LYS B 10 4.51 15.10 -22.65
N SER B 11 4.74 16.28 -22.10
CA SER B 11 3.68 17.12 -21.56
C SER B 11 3.31 18.20 -22.58
N LYS B 12 2.00 18.35 -22.79
CA LYS B 12 1.52 19.36 -23.74
C LYS B 12 2.05 20.74 -23.42
N SER B 13 2.14 21.09 -22.14
CA SER B 13 2.56 22.42 -21.75
C SER B 13 4.06 22.56 -21.63
N ALA B 14 4.80 21.48 -21.79
CA ALA B 14 6.25 21.46 -21.60
C ALA B 14 6.63 21.62 -20.14
N ASN B 15 5.67 21.46 -19.24
CA ASN B 15 5.94 21.45 -17.80
C ASN B 15 5.80 20.02 -17.29
N ALA B 16 6.68 19.62 -16.38
CA ALA B 16 6.58 18.29 -15.79
C ALA B 16 5.30 18.15 -15.01
N LEU B 17 4.71 16.95 -15.09
CA LEU B 17 3.47 16.64 -14.40
C LEU B 17 3.69 15.50 -13.43
N LEU B 18 2.86 15.45 -12.37
CA LEU B 18 2.89 14.36 -11.41
C LEU B 18 1.46 14.00 -11.03
N PHE B 19 1.22 12.69 -10.88
CA PHE B 19 -0.05 12.12 -10.46
C PHE B 19 0.21 11.17 -9.31
N SER B 20 -0.57 11.29 -8.23
CA SER B 20 -0.50 10.42 -7.06
C SER B 20 -1.80 9.66 -6.86
N GLY B 21 -1.67 8.46 -6.32
CA GLY B 21 -2.80 7.60 -6.04
C GLY B 21 -2.47 6.50 -5.05
N PRO B 22 -2.16 6.86 -3.81
CA PRO B 22 -1.83 5.86 -2.78
C PRO B 22 -3.05 5.04 -2.42
N GLN B 23 -2.92 3.72 -2.37
CA GLN B 23 -4.03 2.83 -2.03
C GLN B 23 -3.86 2.35 -0.60
N VAL B 24 -4.55 3.02 0.32
CA VAL B 24 -4.49 2.73 1.76
C VAL B 24 -5.90 2.50 2.30
N GLY B 25 -6.82 2.11 1.44
CA GLY B 25 -8.18 1.85 1.87
C GLY B 25 -8.96 3.15 2.11
N PHE B 26 -10.20 2.95 2.58
CA PHE B 26 -11.20 4.01 2.62
C PHE B 26 -11.85 3.97 3.99
N VAL B 27 -11.53 4.96 4.83
CA VAL B 27 -11.98 4.99 6.22
C VAL B 27 -12.38 6.42 6.53
N ALA B 28 -13.21 6.57 7.58
CA ALA B 28 -13.58 7.87 8.12
C ALA B 28 -13.36 7.85 9.63
N PRO B 29 -12.55 8.72 10.18
CA PRO B 29 -11.70 9.70 9.48
C PRO B 29 -10.73 9.01 8.52
N GLY B 30 -10.27 9.77 7.51
CA GLY B 30 -9.45 9.20 6.46
C GLY B 30 -8.05 8.81 6.91
N PHE B 31 -7.42 7.99 6.07
CA PHE B 31 -6.05 7.57 6.34
C PHE B 31 -5.05 8.69 6.09
N LEU B 32 -5.42 9.68 5.31
CA LEU B 32 -4.55 10.79 4.96
C LEU B 32 -4.92 12.04 5.72
N TYR B 33 -3.94 12.95 5.83
CA TYR B 33 -4.11 14.25 6.45
C TYR B 33 -3.51 15.33 5.55
N GLU B 34 -4.35 16.25 5.06
CA GLU B 34 -3.92 17.31 4.17
C GLU B 34 -3.59 18.57 4.97
N VAL B 35 -2.56 19.27 4.51
CA VAL B 35 -2.06 20.43 5.24
C VAL B 35 -1.29 21.34 4.29
N GLY B 36 -1.17 22.62 4.67
CA GLY B 36 -0.22 23.55 4.07
C GLY B 36 0.79 24.01 5.10
N LEU B 37 2.07 23.93 4.74
CA LEU B 37 3.17 24.26 5.63
C LEU B 37 3.99 25.40 5.02
N HIS B 38 4.16 26.50 5.76
CA HIS B 38 4.81 27.69 5.22
C HIS B 38 5.67 28.33 6.29
N SER B 39 6.98 28.30 6.08
CA SER B 39 7.97 28.97 6.93
C SER B 39 9.04 29.49 5.98
N PRO B 40 10.01 30.28 6.45
CA PRO B 40 11.00 30.85 5.53
C PRO B 40 11.72 29.79 4.71
N GLY B 41 11.58 29.87 3.38
CA GLY B 41 12.24 28.95 2.48
C GLY B 41 11.65 27.56 2.43
N PHE B 42 10.46 27.35 2.98
CA PHE B 42 9.82 26.03 3.00
C PHE B 42 8.32 26.27 2.82
N ASP B 43 7.80 25.90 1.65
CA ASP B 43 6.40 26.11 1.32
C ASP B 43 5.93 24.83 0.67
N MET B 44 4.96 24.18 1.30
CA MET B 44 4.57 22.86 0.82
C MET B 44 3.11 22.60 1.15
N GLU B 45 2.43 21.96 0.20
CA GLU B 45 1.02 21.65 0.32
C GLU B 45 0.81 20.23 -0.15
N GLY B 46 0.01 19.48 0.59
CA GLY B 46 -0.32 18.12 0.20
C GLY B 46 -0.73 17.33 1.41
N SER B 47 -0.67 16.01 1.26
CA SER B 47 -1.09 15.13 2.34
C SER B 47 -0.02 14.11 2.68
N GLY B 48 -0.12 13.61 3.92
CA GLY B 48 0.67 12.49 4.37
C GLY B 48 -0.23 11.53 5.11
N PHE B 49 0.27 10.34 5.39
CA PHE B 49 -0.51 9.44 6.23
C PHE B 49 -0.73 10.08 7.61
N ILE B 50 -1.85 9.75 8.22
CA ILE B 50 -2.20 10.32 9.50
C ILE B 50 -1.08 10.11 10.50
N GLY B 51 -0.75 11.16 11.24
CA GLY B 51 0.28 11.11 12.24
C GLY B 51 1.69 11.43 11.77
N TYR B 52 1.92 11.52 10.48
CA TYR B 52 3.25 11.75 9.94
C TYR B 52 3.56 13.24 9.94
N PRO B 53 4.73 13.67 10.42
CA PRO B 53 5.09 15.08 10.37
C PRO B 53 5.72 15.46 9.05
N PHE B 54 5.11 15.01 7.96
CA PHE B 54 5.61 15.33 6.62
C PHE B 54 4.57 14.99 5.57
N ILE B 55 4.70 15.68 4.43
CA ILE B 55 3.84 15.48 3.27
C ILE B 55 4.47 14.44 2.36
N MET B 56 3.65 13.52 1.86
CA MET B 56 4.09 12.50 0.92
C MET B 56 3.54 12.67 -0.49
N PHE B 57 2.41 13.36 -0.63
CA PHE B 57 1.69 13.46 -1.89
C PHE B 57 1.39 14.95 -2.02
N GLY B 58 2.11 15.64 -2.89
CA GLY B 58 1.94 17.10 -3.00
C GLY B 58 3.18 17.74 -3.61
N ALA B 59 3.41 19.00 -3.26
CA ALA B 59 4.52 19.72 -3.84
C ALA B 59 4.96 20.84 -2.91
N ASN B 60 6.29 21.08 -2.90
CA ASN B 60 6.88 22.29 -2.34
C ASN B 60 7.11 23.30 -3.46
N GLN B 61 7.82 24.40 -3.13
CA GLN B 61 8.03 25.45 -4.11
C GLN B 61 8.76 24.94 -5.34
N HIS B 62 9.56 23.90 -5.19
CA HIS B 62 10.50 23.46 -6.20
C HIS B 62 10.15 22.15 -6.88
N LEU B 63 9.50 21.24 -6.16
CA LEU B 63 9.32 19.87 -6.64
C LEU B 63 7.99 19.34 -6.14
N ALA B 64 7.45 18.43 -6.93
CA ALA B 64 6.31 17.61 -6.53
C ALA B 64 6.81 16.19 -6.27
N LEU B 65 6.16 15.50 -5.33
CA LEU B 65 6.57 14.14 -5.00
C LEU B 65 5.35 13.25 -4.77
N THR B 66 5.56 11.94 -4.94
CA THR B 66 4.60 10.93 -4.51
C THR B 66 5.36 9.64 -4.25
N ALA B 67 4.63 8.62 -3.85
CA ALA B 67 5.22 7.33 -3.53
C ALA B 67 4.23 6.21 -3.79
N THR B 68 4.75 5.02 -4.07
CA THR B 68 3.97 3.80 -4.07
C THR B 68 4.75 2.72 -3.31
N ALA B 69 4.07 1.72 -2.76
CA ALA B 69 4.80 0.68 -2.03
C ALA B 69 5.74 -0.04 -2.99
N GLY B 70 6.95 -0.33 -2.51
CA GLY B 70 7.96 -0.92 -3.33
C GLY B 70 7.83 -2.39 -3.55
N TYR B 71 7.40 -3.15 -2.55
N TYR B 71 7.43 -3.13 -2.51
CA TYR B 71 7.40 -4.61 -2.60
CA TYR B 71 7.45 -4.60 -2.49
C TYR B 71 8.81 -5.20 -2.69
C TYR B 71 8.84 -5.15 -2.81
N GLY B 72 9.85 -4.40 -2.43
CA GLY B 72 11.21 -4.91 -2.41
C GLY B 72 11.43 -5.79 -1.20
N ASN B 73 12.54 -6.51 -1.24
CA ASN B 73 12.81 -7.61 -0.30
C ASN B 73 13.58 -7.09 0.90
N VAL B 74 12.83 -6.65 1.92
CA VAL B 74 13.39 -6.05 3.13
C VAL B 74 13.11 -6.88 4.38
N THR B 75 12.41 -7.99 4.27
CA THR B 75 12.14 -8.89 5.39
C THR B 75 12.68 -10.25 5.00
N ASP B 76 13.52 -10.86 5.85
CA ASP B 76 13.89 -12.25 5.70
C ASP B 76 13.53 -13.02 6.96
N ILE B 77 13.16 -14.28 6.79
CA ILE B 77 12.86 -15.17 7.89
C ILE B 77 14.05 -16.11 8.04
N PHE B 78 14.53 -16.26 9.28
CA PHE B 78 15.62 -17.17 9.59
C PHE B 78 15.08 -18.39 10.31
N GLU B 79 15.50 -19.56 9.87
CA GLU B 79 15.09 -20.84 10.42
C GLU B 79 16.14 -21.22 11.46
N GLU B 80 15.80 -21.05 12.74
CA GLU B 80 16.73 -21.31 13.82
C GLU B 80 16.72 -22.79 14.17
N LYS B 81 17.92 -23.35 14.37
CA LYS B 81 18.08 -24.74 14.79
C LYS B 81 18.05 -24.79 16.31
N LEU B 82 17.02 -25.40 16.86
CA LEU B 82 16.81 -25.35 18.30
C LEU B 82 17.50 -26.52 18.98
N ASN B 83 17.94 -26.28 20.20
CA ASN B 83 18.54 -27.32 21.02
C ASN B 83 17.45 -28.30 21.44
N PRO B 84 17.53 -29.58 21.05
CA PRO B 84 16.47 -30.53 21.44
C PRO B 84 16.32 -30.67 22.94
N ALA B 85 17.31 -30.26 23.73
CA ALA B 85 17.25 -30.31 25.18
C ALA B 85 16.80 -28.99 25.81
N ASN B 86 16.65 -27.93 25.02
CA ASN B 86 16.28 -26.62 25.56
C ASN B 86 15.76 -25.78 24.40
N SER B 87 14.45 -25.64 24.31
CA SER B 87 13.82 -24.95 23.19
C SER B 87 14.02 -23.44 23.21
N THR B 88 14.61 -22.89 24.28
CA THR B 88 14.99 -21.48 24.30
C THR B 88 16.44 -21.27 23.88
N GLN B 89 17.08 -22.28 23.30
CA GLN B 89 18.44 -22.16 22.80
C GLN B 89 18.49 -22.54 21.32
N TYR B 90 19.34 -21.84 20.58
CA TYR B 90 19.47 -22.04 19.15
C TYR B 90 20.95 -22.03 18.79
N PHE B 91 21.28 -22.71 17.72
CA PHE B 91 22.68 -22.87 17.34
C PHE B 91 23.10 -21.73 16.41
N TYR B 92 24.15 -21.01 16.79
CA TYR B 92 24.57 -19.84 16.02
C TYR B 92 26.07 -19.62 16.19
N LYS B 93 26.79 -19.65 15.08
CA LYS B 93 28.25 -19.44 15.06
C LYS B 93 28.96 -20.35 16.05
N GLY B 94 28.60 -21.64 16.00
CA GLY B 94 29.37 -22.69 16.64
C GLY B 94 28.97 -23.04 18.07
N LYS B 95 27.98 -22.37 18.63
CA LYS B 95 27.66 -22.46 20.04
C LYS B 95 26.16 -22.33 20.21
N TRP B 96 25.59 -23.02 21.20
CA TRP B 96 24.22 -22.77 21.60
C TRP B 96 24.16 -21.35 22.17
N ARG B 97 23.14 -20.59 21.76
CA ARG B 97 22.93 -19.24 22.25
C ARG B 97 21.58 -19.21 22.94
N ASN B 98 21.43 -18.33 23.93
CA ASN B 98 20.15 -18.18 24.60
C ASN B 98 19.31 -17.11 23.93
N MET B 99 18.02 -17.38 23.79
CA MET B 99 17.09 -16.37 23.29
C MET B 99 16.87 -15.30 24.36
N GLU B 100 16.79 -14.04 23.93
CA GLU B 100 16.33 -13.01 24.82
C GLU B 100 14.84 -13.21 25.07
N LYS B 101 14.43 -13.14 26.33
CA LYS B 101 13.06 -13.37 26.73
C LYS B 101 12.45 -12.09 27.28
N ARG B 102 11.16 -11.91 27.04
CA ARG B 102 10.43 -10.70 27.39
C ARG B 102 9.04 -11.15 27.82
N THR B 103 8.60 -10.72 28.98
CA THR B 103 7.21 -10.92 29.40
C THR B 103 6.46 -9.61 29.24
N GLU B 104 5.27 -9.68 28.66
CA GLU B 104 4.46 -8.51 28.38
C GLU B 104 3.08 -8.70 28.98
N THR B 105 2.56 -7.64 29.59
CA THR B 105 1.26 -7.67 30.25
C THR B 105 0.27 -6.91 29.40
N PHE B 106 -0.89 -7.52 29.15
CA PHE B 106 -1.96 -6.92 28.37
C PHE B 106 -3.17 -6.75 29.27
N ILE B 107 -3.64 -5.52 29.41
CA ILE B 107 -4.89 -5.25 30.10
C ILE B 107 -6.00 -5.31 29.06
N VAL B 108 -7.04 -6.08 29.36
CA VAL B 108 -8.12 -6.36 28.45
C VAL B 108 -9.42 -5.89 29.08
N ARG B 109 -10.24 -5.19 28.31
CA ARG B 109 -11.57 -4.78 28.74
C ARG B 109 -12.56 -5.91 28.48
N GLY B 110 -13.27 -6.32 29.53
CA GLY B 110 -14.26 -7.38 29.40
C GLY B 110 -15.69 -6.87 29.30
N ASP B 112 -18.97 -6.20 29.44
CA ASP B 112 -18.82 -6.69 30.80
C ASP B 112 -18.09 -5.68 31.70
N GLY B 113 -17.20 -4.89 31.11
CA GLY B 113 -16.53 -3.82 31.85
C GLY B 113 -15.32 -4.19 32.67
N LYS B 114 -15.40 -5.28 33.43
CA LYS B 114 -14.30 -5.66 34.30
C LYS B 114 -13.02 -5.86 33.49
N SER B 115 -11.92 -5.33 34.01
CA SER B 115 -10.62 -5.39 33.36
C SER B 115 -9.84 -6.60 33.86
N LYS B 116 -9.23 -7.33 32.93
CA LYS B 116 -8.42 -8.49 33.24
C LYS B 116 -7.02 -8.32 32.70
N LYS B 117 -6.06 -9.00 33.34
CA LYS B 117 -4.66 -8.97 32.93
C LYS B 117 -4.28 -10.34 32.42
N ILE B 118 -3.70 -10.39 31.22
CA ILE B 118 -3.13 -11.61 30.68
C ILE B 118 -1.68 -11.35 30.33
N GLU B 119 -0.85 -12.39 30.49
CA GLU B 119 0.57 -12.31 30.22
C GLU B 119 0.93 -13.22 29.05
N GLU B 120 1.94 -12.80 28.31
CA GLU B 120 2.48 -13.55 27.18
C GLU B 120 3.98 -13.37 27.23
N THR B 121 4.72 -14.36 26.75
CA THR B 121 6.17 -14.30 26.73
C THR B 121 6.63 -14.29 25.29
N PHE B 122 7.53 -13.36 24.96
CA PHE B 122 8.03 -13.21 23.60
C PHE B 122 9.54 -13.36 23.59
N PHE B 123 10.04 -13.87 22.46
CA PHE B 123 11.45 -14.23 22.32
C PHE B 123 12.08 -13.49 21.16
N HIS B 124 13.37 -13.20 21.30
CA HIS B 124 14.20 -12.70 20.23
C HIS B 124 15.41 -13.60 20.09
N THR B 125 15.90 -13.73 18.86
CA THR B 125 17.25 -14.22 18.60
C THR B 125 18.09 -13.10 18.00
N VAL B 126 19.35 -13.43 17.68
CA VAL B 126 20.24 -12.48 17.01
C VAL B 126 19.62 -11.93 15.74
N HIS B 127 18.73 -12.68 15.10
CA HIS B 127 18.13 -12.23 13.85
C HIS B 127 16.92 -11.32 14.04
N GLY B 128 16.22 -11.42 15.16
CA GLY B 128 15.02 -10.63 15.36
C GLY B 128 14.02 -11.36 16.22
N PRO B 129 12.80 -10.83 16.28
CA PRO B 129 11.75 -11.50 17.06
C PRO B 129 11.41 -12.87 16.49
N VAL B 130 11.09 -13.81 17.38
CA VAL B 130 10.59 -15.12 16.99
C VAL B 130 9.11 -14.98 16.66
N ILE B 131 8.73 -15.39 15.45
CA ILE B 131 7.38 -15.22 14.95
C ILE B 131 6.59 -16.51 14.90
N SER B 132 7.24 -17.67 14.87
CA SER B 132 6.58 -18.94 14.64
C SER B 132 7.44 -20.04 15.25
N LEU B 133 6.79 -21.07 15.78
CA LEU B 133 7.49 -22.25 16.24
C LEU B 133 7.08 -23.45 15.40
N ASP B 134 8.06 -24.29 15.06
CA ASP B 134 7.80 -25.64 14.58
C ASP B 134 8.46 -26.59 15.57
N ALA B 135 7.83 -26.73 16.75
CA ALA B 135 8.41 -27.53 17.82
C ALA B 135 8.66 -28.96 17.35
N ALA B 136 7.76 -29.50 16.52
CA ALA B 136 7.94 -30.84 16.01
C ALA B 136 9.29 -31.00 15.32
N ALA B 137 9.81 -29.94 14.71
CA ALA B 137 11.04 -30.00 13.94
C ALA B 137 12.23 -29.39 14.66
N ASN B 138 12.07 -28.97 15.92
CA ASN B 138 13.13 -28.29 16.65
C ASN B 138 13.63 -27.09 15.85
N VAL B 139 12.67 -26.29 15.40
CA VAL B 139 12.91 -25.09 14.60
C VAL B 139 12.07 -23.98 15.18
N ALA B 140 12.63 -22.78 15.26
CA ALA B 140 11.87 -21.57 15.46
C ALA B 140 12.21 -20.63 14.31
N TYR B 141 11.26 -19.78 13.97
CA TYR B 141 11.43 -18.83 12.88
C TYR B 141 11.52 -17.41 13.45
N SER B 142 12.57 -16.71 13.09
CA SER B 142 12.77 -15.33 13.53
C SER B 142 12.73 -14.43 12.30
N LYS B 143 12.49 -13.16 12.53
CA LYS B 143 12.24 -12.23 11.43
C LYS B 143 13.22 -11.05 11.47
N SER B 144 13.97 -10.88 10.37
CA SER B 144 14.91 -9.78 10.23
C SER B 144 14.34 -8.76 9.26
N TRP B 145 14.22 -7.51 9.68
CA TRP B 145 13.89 -6.41 8.80
C TRP B 145 15.18 -5.64 8.50
N SER B 146 15.41 -5.33 7.23
CA SER B 146 16.61 -4.57 6.91
C SER B 146 16.57 -3.18 7.51
N PHE B 147 15.38 -2.68 7.85
CA PHE B 147 15.17 -1.37 8.42
C PHE B 147 15.03 -1.40 9.94
N ARG B 148 15.32 -2.52 10.58
CA ARG B 148 15.18 -2.59 12.03
C ARG B 148 16.01 -1.51 12.71
N GLY B 149 15.36 -0.71 13.55
CA GLY B 149 16.04 0.38 14.25
C GLY B 149 16.35 1.60 13.41
N THR B 150 15.98 1.63 12.13
CA THR B 150 16.21 2.80 11.29
C THR B 150 14.92 3.47 10.85
N GLU B 151 13.81 3.15 11.51
CA GLU B 151 12.55 3.80 11.13
C GLU B 151 12.60 5.31 11.35
N ALA B 152 13.26 5.76 12.42
CA ALA B 152 13.37 7.21 12.62
C ALA B 152 14.26 7.86 11.57
N LYS B 153 15.28 7.16 11.11
CA LYS B 153 16.07 7.66 10.00
C LYS B 153 15.23 7.79 8.74
N SER B 154 14.23 6.91 8.57
CA SER B 154 13.33 7.04 7.43
C SER B 154 12.42 8.25 7.56
N ILE B 155 11.95 8.54 8.78
CA ILE B 155 11.18 9.78 9.01
C ILE B 155 12.03 10.97 8.62
N GLN B 156 13.26 11.01 9.12
CA GLN B 156 14.14 12.12 8.83
C GLN B 156 14.36 12.26 7.33
N ALA B 157 14.55 11.14 6.63
CA ALA B 157 14.72 11.22 5.19
C ALA B 157 13.52 11.84 4.51
N TYR B 158 12.31 11.48 4.97
CA TYR B 158 11.09 12.06 4.37
C TYR B 158 10.99 13.55 4.66
N MET B 159 11.35 13.97 5.88
CA MET B 159 11.37 15.39 6.18
C MET B 159 12.38 16.12 5.29
N LYS B 160 13.54 15.51 5.08
CA LYS B 160 14.52 16.13 4.20
C LYS B 160 14.01 16.20 2.77
N ALA B 161 13.21 15.23 2.34
CA ALA B 161 12.62 15.31 1.00
C ALA B 161 11.67 16.51 0.92
N ASN B 162 10.90 16.76 2.00
CA ASN B 162 10.04 17.94 2.06
C ASN B 162 10.87 19.22 1.94
N TRP B 163 12.06 19.25 2.54
CA TRP B 163 12.87 20.46 2.58
C TRP B 163 13.73 20.63 1.34
N ALA B 164 13.78 19.61 0.48
CA ALA B 164 14.68 19.62 -0.66
C ALA B 164 14.24 20.62 -1.72
N LYS B 165 15.20 21.09 -2.49
CA LYS B 165 14.95 22.11 -3.50
C LYS B 165 15.35 21.69 -4.90
N ASN B 166 15.97 20.54 -5.08
CA ASN B 166 16.44 20.10 -6.39
C ASN B 166 16.71 18.60 -6.34
N VAL B 167 17.11 18.07 -7.51
CA VAL B 167 17.31 16.63 -7.64
C VAL B 167 18.39 16.15 -6.68
N LYS B 168 19.49 16.89 -6.58
CA LYS B 168 20.57 16.46 -5.71
C LYS B 168 20.09 16.28 -4.27
N GLU B 169 19.38 17.27 -3.74
CA GLU B 169 18.91 17.19 -2.35
C GLU B 169 17.85 16.12 -2.19
N PHE B 170 16.96 15.97 -3.15
CA PHE B 170 15.93 14.94 -3.07
C PHE B 170 16.55 13.57 -3.14
N GLN B 171 17.54 13.38 -4.03
CA GLN B 171 18.22 12.11 -4.12
C GLN B 171 18.99 11.78 -2.85
N GLN B 172 19.59 12.80 -2.23
CA GLN B 172 20.24 12.56 -0.94
C GLN B 172 19.25 12.02 0.07
N ALA B 173 18.08 12.67 0.17
CA ALA B 173 17.04 12.19 1.07
C ALA B 173 16.63 10.76 0.71
N ALA B 174 16.45 10.49 -0.58
CA ALA B 174 16.07 9.16 -1.02
C ALA B 174 17.09 8.13 -0.61
N SER B 175 18.39 8.48 -0.66
CA SER B 175 19.42 7.53 -0.31
C SER B 175 19.44 7.20 1.17
N GLU B 176 18.80 8.03 2.01
CA GLU B 176 18.77 7.79 3.44
C GLU B 176 17.52 7.02 3.87
N PHE B 177 16.52 6.91 3.02
CA PHE B 177 15.29 6.21 3.39
C PHE B 177 15.56 4.73 3.44
N THR B 178 15.11 4.05 4.49
CA THR B 178 15.55 2.67 4.68
C THR B 178 14.49 1.62 4.39
N MET B 179 13.25 1.99 4.15
CA MET B 179 12.15 1.05 3.91
C MET B 179 11.85 1.02 2.42
N SER B 180 11.05 0.04 1.99
CA SER B 180 10.88 -0.21 0.55
C SER B 180 9.70 0.54 -0.05
N LEU B 181 9.99 1.63 -0.72
CA LEU B 181 9.01 2.43 -1.41
C LEU B 181 9.58 2.79 -2.78
N ASN B 182 8.70 3.16 -3.69
CA ASN B 182 9.08 3.91 -4.89
C ASN B 182 8.80 5.39 -4.61
N TRP B 183 9.76 6.25 -4.91
CA TRP B 183 9.60 7.69 -4.83
C TRP B 183 9.62 8.28 -6.23
N TYR B 184 8.80 9.31 -6.44
CA TYR B 184 8.64 9.96 -7.73
C TYR B 184 8.79 11.46 -7.53
N TYR B 185 9.43 12.12 -8.49
CA TYR B 185 9.84 13.51 -8.40
C TYR B 185 9.55 14.20 -9.72
N ALA B 186 9.07 15.44 -9.65
CA ALA B 186 8.93 16.30 -10.82
C ALA B 186 9.25 17.71 -10.39
N ASP B 187 10.00 18.45 -11.21
CA ASP B 187 10.36 19.81 -10.78
C ASP B 187 10.01 20.86 -11.84
N LYS B 188 10.22 22.13 -11.47
CA LYS B 188 9.89 23.26 -12.32
C LYS B 188 10.86 23.46 -13.46
N LYS B 189 12.00 22.76 -13.45
CA LYS B 189 12.94 22.79 -14.55
C LYS B 189 12.65 21.71 -15.57
N GLY B 190 11.57 20.97 -15.38
CA GLY B 190 11.16 19.96 -16.32
C GLY B 190 11.69 18.58 -16.02
N ASN B 191 12.50 18.43 -14.98
CA ASN B 191 13.06 17.13 -14.66
C ASN B 191 12.04 16.23 -13.99
N ILE B 192 12.19 14.93 -14.23
CA ILE B 192 11.49 13.90 -13.47
C ILE B 192 12.51 12.87 -13.00
N ALA B 193 12.20 12.22 -11.89
CA ALA B 193 13.10 11.21 -11.33
C ALA B 193 12.30 10.15 -10.60
N TYR B 194 12.83 8.93 -10.61
CA TYR B 194 12.23 7.75 -10.00
C TYR B 194 13.30 7.04 -9.19
N TYR B 195 12.97 6.67 -7.95
CA TYR B 195 13.87 5.96 -7.07
C TYR B 195 13.13 4.81 -6.40
N HIS B 196 13.69 3.60 -6.46
CA HIS B 196 13.22 2.49 -5.63
C HIS B 196 14.08 2.55 -4.38
N VAL B 197 13.57 3.21 -3.35
CA VAL B 197 14.31 3.47 -2.13
C VAL B 197 14.22 2.27 -1.20
N GLY B 198 15.13 2.25 -0.23
CA GLY B 198 15.21 1.23 0.79
C GLY B 198 16.63 0.74 0.98
N LYS B 199 16.85 0.12 2.14
CA LYS B 199 18.13 -0.53 2.42
C LYS B 199 18.01 -2.02 2.10
N TYR B 200 18.66 -2.47 1.04
CA TYR B 200 18.54 -3.83 0.59
C TYR B 200 19.77 -4.62 1.01
N PRO B 201 19.61 -5.70 1.77
CA PRO B 201 20.76 -6.42 2.31
C PRO B 201 21.52 -7.20 1.26
N ILE B 202 22.80 -7.40 1.53
CA ILE B 202 23.66 -8.27 0.72
C ILE B 202 23.53 -9.68 1.28
N ARG B 203 22.86 -10.55 0.54
CA ARG B 203 22.52 -11.87 1.02
C ARG B 203 23.56 -12.90 0.58
N SER B 204 23.50 -14.06 1.24
CA SER B 204 24.34 -15.17 0.86
C SER B 204 23.96 -15.69 -0.52
N ASN B 205 24.96 -15.94 -1.36
CA ASN B 205 24.70 -16.53 -2.67
C ASN B 205 24.51 -18.04 -2.60
N GLN B 206 24.46 -18.62 -1.41
CA GLN B 206 24.25 -20.06 -1.27
C GLN B 206 22.81 -20.42 -0.94
N ILE B 207 21.93 -19.44 -0.82
CA ILE B 207 20.56 -19.74 -0.41
C ILE B 207 19.58 -19.30 -1.47
N ASP B 208 18.43 -19.96 -1.47
CA ASP B 208 17.29 -19.60 -2.32
C ASP B 208 16.45 -18.59 -1.54
N ASP B 209 16.46 -17.34 -1.98
CA ASP B 209 15.83 -16.24 -1.25
C ASP B 209 14.29 -16.24 -1.34
N ARG B 210 13.68 -17.26 -1.92
CA ARG B 210 12.24 -17.41 -1.83
C ARG B 210 11.80 -18.14 -0.57
N PHE B 211 12.73 -18.69 0.19
CA PHE B 211 12.46 -19.52 1.35
C PHE B 211 13.25 -19.01 2.55
N PRO B 212 12.89 -19.45 3.76
CA PRO B 212 13.66 -19.02 4.95
C PRO B 212 15.14 -19.39 4.85
N THR B 213 15.96 -18.58 5.52
CA THR B 213 17.41 -18.74 5.54
C THR B 213 17.82 -19.50 6.79
N PRO B 214 18.65 -20.54 6.69
CA PRO B 214 19.12 -21.20 7.92
C PRO B 214 19.83 -20.19 8.83
N GLY B 215 19.53 -20.26 10.12
CA GLY B 215 20.01 -19.28 11.06
C GLY B 215 21.29 -19.64 11.82
N THR B 216 22.02 -20.64 11.34
CA THR B 216 23.17 -21.16 12.10
C THR B 216 24.42 -20.30 11.98
N GLY B 217 24.45 -19.32 11.09
CA GLY B 217 25.52 -18.34 11.04
C GLY B 217 26.29 -18.31 9.74
N GLU B 218 26.14 -19.30 8.87
CA GLU B 218 26.87 -19.34 7.63
C GLU B 218 26.25 -18.48 6.54
N TYR B 219 25.01 -17.99 6.73
CA TYR B 219 24.23 -17.38 5.66
C TYR B 219 23.72 -15.99 6.07
N GLU B 220 24.47 -15.28 6.90
CA GLU B 220 24.03 -13.98 7.38
C GLU B 220 24.17 -12.93 6.29
N TRP B 221 23.37 -11.87 6.42
CA TRP B 221 23.58 -10.69 5.61
C TRP B 221 24.98 -10.15 5.83
N LYS B 222 25.54 -9.52 4.81
CA LYS B 222 26.86 -8.93 4.86
C LYS B 222 26.73 -7.45 4.50
N GLY B 223 26.03 -6.71 5.35
CA GLY B 223 25.78 -5.30 5.09
C GLY B 223 24.65 -5.07 4.13
N PHE B 224 24.60 -3.84 3.65
CA PHE B 224 23.54 -3.37 2.77
C PHE B 224 24.18 -2.75 1.54
N GLN B 225 23.56 -2.98 0.39
CA GLN B 225 24.11 -2.47 -0.85
C GLN B 225 24.03 -0.95 -0.87
N SER B 226 24.99 -0.36 -1.57
N SER B 226 24.99 -0.35 -1.57
CA SER B 226 24.97 1.07 -1.83
CA SER B 226 24.96 1.09 -1.75
C SER B 226 23.65 1.48 -2.49
C SER B 226 23.67 1.48 -2.47
N PHE B 227 23.19 2.68 -2.15
CA PHE B 227 22.03 3.22 -2.83
C PHE B 227 22.23 3.32 -4.35
N ALA B 228 23.48 3.48 -4.80
CA ALA B 228 23.73 3.58 -6.24
C ALA B 228 23.30 2.32 -6.98
N LYS B 229 23.15 1.20 -6.29
CA LYS B 229 22.66 -0.02 -6.89
C LYS B 229 21.15 -0.19 -6.78
N ASN B 230 20.46 0.70 -6.07
CA ASN B 230 19.01 0.64 -6.08
C ASN B 230 18.51 1.10 -7.45
N PRO B 231 17.46 0.50 -8.00
CA PRO B 231 16.89 1.00 -9.25
C PRO B 231 16.52 2.47 -9.14
N GLN B 232 16.92 3.25 -10.15
CA GLN B 232 16.65 4.68 -10.15
C GLN B 232 16.95 5.25 -11.51
N ALA B 233 16.25 6.32 -11.87
CA ALA B 233 16.49 7.00 -13.13
C ALA B 233 16.10 8.46 -13.03
N ILE B 234 16.91 9.34 -13.62
CA ILE B 234 16.57 10.75 -13.80
C ILE B 234 16.33 10.95 -15.29
N ASN B 235 15.21 11.55 -15.64
CA ASN B 235 14.85 11.86 -17.02
C ASN B 235 15.01 10.63 -17.91
N PRO B 236 14.32 9.55 -17.63
CA PRO B 236 14.40 8.36 -18.48
C PRO B 236 14.01 8.69 -19.92
N LYS B 237 14.57 7.91 -20.85
CA LYS B 237 14.45 8.24 -22.26
C LYS B 237 13.00 8.21 -22.74
N LYS B 238 12.20 7.32 -22.17
CA LYS B 238 10.81 7.21 -22.58
C LYS B 238 10.04 8.49 -22.32
N GLY B 239 10.51 9.33 -21.40
CA GLY B 239 9.89 10.61 -21.15
C GLY B 239 8.85 10.61 -20.03
N TYR B 240 8.64 9.47 -19.36
CA TYR B 240 7.66 9.35 -18.28
C TYR B 240 8.02 8.12 -17.48
N VAL B 241 7.40 8.01 -16.32
CA VAL B 241 7.41 6.80 -15.51
C VAL B 241 5.98 6.59 -15.02
N VAL B 242 5.48 5.36 -15.15
CA VAL B 242 4.23 4.95 -14.52
C VAL B 242 4.50 3.77 -13.60
N ASN B 243 3.66 3.57 -12.60
CA ASN B 243 3.86 2.47 -11.66
C ASN B 243 2.52 2.14 -11.00
N TRP B 244 2.27 0.86 -10.81
CA TRP B 244 1.16 0.37 -10.00
C TRP B 244 1.62 -0.81 -9.15
N ASN B 245 2.73 -0.58 -8.44
CA ASN B 245 3.44 -1.53 -7.57
C ASN B 245 4.19 -2.59 -8.35
N ASN B 246 4.43 -2.34 -9.64
CA ASN B 246 5.11 -3.29 -10.50
C ASN B 246 6.64 -3.19 -10.33
N LYS B 247 7.31 -4.06 -11.08
CA LYS B 247 8.75 -4.21 -10.95
C LYS B 247 9.49 -2.94 -11.35
N PRO B 248 10.51 -2.54 -10.60
CA PRO B 248 11.26 -1.33 -11.00
C PRO B 248 11.99 -1.45 -12.33
N SER B 249 12.70 -2.57 -12.54
CA SER B 249 13.60 -2.74 -13.67
C SER B 249 13.83 -4.23 -13.86
N LYS B 250 14.27 -4.59 -15.07
CA LYS B 250 14.20 -5.96 -15.55
C LYS B 250 14.88 -6.96 -14.65
N TYR B 251 16.04 -6.61 -14.07
CA TYR B 251 16.84 -7.56 -13.30
C TYR B 251 16.72 -7.35 -11.79
N TRP B 252 15.83 -6.48 -11.35
CA TRP B 252 15.61 -6.28 -9.92
C TRP B 252 14.72 -7.40 -9.38
N ARG B 253 15.16 -8.05 -8.32
CA ARG B 253 14.46 -9.18 -7.75
C ARG B 253 13.96 -8.84 -6.35
N ASN B 254 12.95 -9.59 -5.93
CA ASN B 254 12.34 -9.39 -4.62
C ASN B 254 11.98 -10.71 -3.96
N GLY B 255 12.72 -11.77 -4.28
CA GLY B 255 12.69 -12.99 -3.48
C GLY B 255 11.34 -13.65 -3.43
N GLU B 256 10.86 -13.85 -2.20
CA GLU B 256 9.64 -14.58 -1.94
C GLU B 256 8.40 -13.94 -2.54
N TYR B 257 8.44 -12.66 -2.85
CA TYR B 257 7.26 -11.91 -3.26
C TYR B 257 7.25 -11.57 -4.76
N SER B 258 7.88 -12.42 -5.58
CA SER B 258 7.90 -12.20 -7.02
C SER B 258 6.52 -12.32 -7.65
N ILE B 259 5.56 -12.88 -6.91
CA ILE B 259 4.22 -13.11 -7.40
C ILE B 259 3.51 -11.84 -7.85
N VAL B 260 3.98 -10.65 -7.41
CA VAL B 260 3.40 -9.39 -7.80
C VAL B 260 4.01 -8.85 -9.09
N TRP B 261 5.11 -9.42 -9.60
CA TRP B 261 5.89 -8.87 -10.72
C TRP B 261 5.98 -9.90 -11.84
N GLY B 262 4.87 -10.16 -12.52
CA GLY B 262 4.82 -11.10 -13.62
C GLY B 262 4.40 -10.42 -14.92
N LYS B 263 4.47 -11.21 -16.00
CA LYS B 263 4.11 -10.73 -17.32
C LYS B 263 2.73 -10.08 -17.36
N ASP B 264 1.76 -10.67 -16.69
CA ASP B 264 0.43 -10.09 -16.54
C ASP B 264 0.44 -9.22 -15.31
N ASN B 265 0.40 -7.91 -15.48
CA ASN B 265 0.53 -6.98 -14.36
C ASN B 265 -0.38 -5.78 -14.60
N ARG B 266 -1.08 -5.35 -13.56
CA ARG B 266 -2.10 -4.31 -13.66
C ARG B 266 -1.56 -2.98 -14.15
N VAL B 267 -0.26 -2.69 -14.01
CA VAL B 267 0.30 -1.43 -14.53
C VAL B 267 0.03 -1.30 -16.01
N GLN B 268 -0.24 -2.42 -16.69
CA GLN B 268 -0.60 -2.38 -18.10
C GLN B 268 -1.69 -1.36 -18.39
N GLN B 269 -2.61 -1.11 -17.46
CA GLN B 269 -3.64 -0.10 -17.70
C GLN B 269 -3.05 1.29 -17.88
N PHE B 270 -2.03 1.63 -17.10
CA PHE B 270 -1.35 2.93 -17.21
C PHE B 270 -0.43 2.98 -18.42
N ILE B 271 0.28 1.90 -18.71
CA ILE B 271 1.09 1.82 -19.92
C ILE B 271 0.20 2.02 -21.13
N ASN B 272 -0.92 1.27 -21.20
CA ASN B 272 -1.81 1.38 -22.36
C ASN B 272 -2.23 2.82 -22.55
N GLY B 273 -2.60 3.49 -21.46
CA GLY B 273 -3.17 4.83 -21.57
C GLY B 273 -2.12 5.85 -22.01
N ILE B 274 -0.91 5.74 -21.49
CA ILE B 274 0.14 6.68 -21.86
C ILE B 274 0.59 6.44 -23.30
N GLU B 275 0.72 5.18 -23.70
CA GLU B 275 1.19 4.85 -25.05
C GLU B 275 0.13 5.13 -26.11
N ALA B 276 -1.13 5.16 -25.76
CA ALA B 276 -2.19 5.46 -26.73
C ALA B 276 -2.30 6.94 -27.05
N ARG B 277 -1.56 7.78 -26.35
CA ARG B 277 -1.66 9.22 -26.50
C ARG B 277 -0.33 9.79 -26.97
N GLY B 278 -0.41 10.99 -27.52
CA GLY B 278 0.78 11.78 -27.76
C GLY B 278 1.14 12.56 -26.51
N LYS B 279 1.36 13.86 -26.63
CA LYS B 279 1.60 14.69 -25.46
C LYS B 279 0.36 14.73 -24.59
N VAL B 280 0.57 14.80 -23.27
CA VAL B 280 -0.51 14.69 -22.30
C VAL B 280 -0.59 15.90 -21.39
N ASP B 281 -1.77 16.11 -20.85
CA ASP B 281 -2.06 17.11 -19.81
C ASP B 281 -2.69 16.40 -18.61
N LEU B 282 -3.02 17.15 -17.57
CA LEU B 282 -3.61 16.55 -16.38
C LEU B 282 -4.95 15.92 -16.66
N LYS B 283 -5.74 16.48 -17.58
CA LYS B 283 -6.99 15.86 -17.98
C LYS B 283 -6.77 14.47 -18.56
N ASP B 284 -5.72 14.28 -19.37
CA ASP B 284 -5.43 12.95 -19.88
C ASP B 284 -5.07 12.01 -18.74
N LEU B 285 -4.28 12.48 -17.78
CA LEU B 285 -3.90 11.62 -16.67
C LEU B 285 -5.12 11.17 -15.91
N ASN B 286 -6.10 12.08 -15.74
CA ASN B 286 -7.32 11.72 -15.05
C ASN B 286 -8.11 10.67 -15.82
N GLU B 287 -8.11 10.74 -17.15
CA GLU B 287 -8.79 9.71 -17.92
C GLU B 287 -8.12 8.36 -17.73
N ILE B 288 -6.78 8.34 -17.65
CA ILE B 288 -6.07 7.08 -17.43
C ILE B 288 -6.43 6.52 -16.06
N ASN B 289 -6.43 7.37 -15.03
CA ASN B 289 -6.83 6.93 -13.70
C ASN B 289 -8.24 6.36 -13.71
N TYR B 290 -9.17 6.98 -14.44
CA TYR B 290 -10.52 6.46 -14.52
C TYR B 290 -10.54 5.07 -15.15
N THR B 291 -9.82 4.88 -16.26
CA THR B 291 -9.74 3.56 -16.87
C THR B 291 -9.21 2.51 -15.89
N ALA B 292 -8.09 2.81 -15.23
CA ALA B 292 -7.50 1.88 -14.30
C ALA B 292 -8.46 1.57 -13.17
N SER B 293 -9.20 2.58 -12.73
CA SER B 293 -10.06 2.42 -11.58
C SER B 293 -11.22 1.47 -11.85
N PHE B 294 -11.68 1.40 -13.11
CA PHE B 294 -12.84 0.59 -13.45
C PHE B 294 -12.51 -0.61 -14.31
N ALA B 295 -11.25 -0.79 -14.70
CA ALA B 295 -10.89 -1.88 -15.60
C ALA B 295 -11.15 -3.24 -14.97
N GLN B 296 -11.67 -4.18 -15.77
CA GLN B 296 -11.64 -5.59 -15.42
C GLN B 296 -10.25 -6.06 -15.87
N LEU B 297 -9.33 -6.22 -14.92
CA LEU B 297 -7.92 -6.29 -15.26
C LEU B 297 -7.57 -7.55 -16.04
N ARG B 298 -8.30 -8.64 -15.89
CA ARG B 298 -8.04 -9.83 -16.68
C ARG B 298 -8.34 -9.63 -18.15
N THR B 299 -9.01 -8.55 -18.55
CA THR B 299 -9.33 -8.42 -19.97
C THR B 299 -8.08 -8.25 -20.83
N HIS B 300 -7.02 -7.60 -20.33
CA HIS B 300 -5.94 -7.21 -21.22
C HIS B 300 -5.36 -8.42 -21.96
N TYR B 301 -5.01 -9.46 -21.24
CA TYR B 301 -4.47 -10.66 -21.87
C TYR B 301 -5.52 -11.75 -22.07
N PHE B 302 -6.53 -11.87 -21.22
CA PHE B 302 -7.42 -13.01 -21.30
C PHE B 302 -8.60 -12.80 -22.24
N LYS B 303 -9.06 -11.57 -22.44
CA LYS B 303 -10.18 -11.39 -23.37
C LYS B 303 -9.77 -11.77 -24.80
N PRO B 304 -8.57 -11.40 -25.28
CA PRO B 304 -8.20 -11.87 -26.62
C PRO B 304 -8.09 -13.37 -26.72
N LEU B 305 -7.60 -14.05 -25.68
CA LEU B 305 -7.51 -15.51 -25.69
C LEU B 305 -8.90 -16.12 -25.77
N LEU B 306 -9.84 -15.57 -25.01
CA LEU B 306 -11.21 -16.07 -25.03
C LEU B 306 -11.83 -15.89 -26.41
N ILE B 307 -11.70 -14.69 -26.97
CA ILE B 307 -12.26 -14.41 -28.29
C ILE B 307 -11.68 -15.36 -29.33
N LYS B 308 -10.37 -15.56 -29.31
CA LYS B 308 -9.71 -16.42 -30.30
C LYS B 308 -10.26 -17.84 -30.24
N THR B 309 -10.47 -18.37 -29.03
CA THR B 309 -11.04 -19.71 -28.91
C THR B 309 -12.46 -19.75 -29.43
N LEU B 310 -13.32 -18.82 -28.99
CA LEU B 310 -14.71 -18.87 -29.39
C LEU B 310 -14.84 -18.72 -30.90
N GLU B 311 -13.98 -17.91 -31.51
CA GLU B 311 -14.07 -17.69 -32.95
C GLU B 311 -13.86 -18.96 -33.74
N LYS B 312 -13.11 -19.93 -33.19
CA LYS B 312 -12.87 -21.16 -33.91
C LYS B 312 -14.13 -22.00 -34.05
N TYR B 313 -15.12 -21.79 -33.20
CA TYR B 313 -16.28 -22.68 -33.11
C TYR B 313 -17.58 -21.94 -33.31
N GLN B 314 -17.52 -20.70 -33.79
CA GLN B 314 -18.73 -19.89 -33.91
C GLN B 314 -19.61 -20.29 -35.08
N SER B 315 -19.08 -21.02 -36.06
CA SER B 315 -19.94 -21.45 -37.17
C SER B 315 -20.91 -22.55 -36.72
N GLU B 316 -20.53 -23.35 -35.73
CA GLU B 316 -21.43 -24.36 -35.18
C GLU B 316 -22.29 -23.83 -34.03
N ASN B 317 -21.78 -22.87 -33.26
CA ASN B 317 -22.41 -22.43 -32.02
C ASN B 317 -22.74 -20.94 -32.15
N LYS B 318 -24.03 -20.65 -32.37
CA LYS B 318 -24.48 -19.26 -32.53
C LYS B 318 -24.26 -18.44 -31.27
N GLU B 319 -24.38 -19.06 -30.10
CA GLU B 319 -24.15 -18.34 -28.85
C GLU B 319 -22.73 -17.80 -28.80
N TYR B 320 -21.78 -18.52 -29.42
CA TYR B 320 -20.40 -18.05 -29.38
C TYR B 320 -20.21 -16.84 -30.28
N ALA B 321 -20.86 -16.81 -31.45
CA ALA B 321 -20.77 -15.64 -32.31
C ALA B 321 -21.28 -14.39 -31.58
N TYR B 322 -22.39 -14.55 -30.85
CA TYR B 322 -22.94 -13.42 -30.10
C TYR B 322 -21.96 -12.96 -29.03
N LEU B 323 -21.39 -13.90 -28.30
CA LEU B 323 -20.44 -13.54 -27.25
C LEU B 323 -19.25 -12.81 -27.83
N VAL B 324 -18.74 -13.27 -28.98
CA VAL B 324 -17.62 -12.59 -29.61
C VAL B 324 -17.96 -11.14 -29.92
N GLU B 325 -19.14 -10.90 -30.50
CA GLU B 325 -19.53 -9.53 -30.82
C GLU B 325 -19.63 -8.67 -29.57
N GLN B 326 -20.25 -9.20 -28.53
CA GLN B 326 -20.39 -8.44 -27.28
C GLN B 326 -19.04 -8.18 -26.63
N LEU B 327 -18.16 -9.17 -26.63
CA LEU B 327 -16.83 -9.00 -26.05
C LEU B 327 -16.01 -7.99 -26.82
N ARG B 328 -16.12 -8.00 -28.15
CA ARG B 328 -15.31 -7.08 -28.95
C ARG B 328 -15.73 -5.63 -28.73
N LYS B 329 -17.03 -5.38 -28.59
CA LYS B 329 -17.49 -4.02 -28.42
C LYS B 329 -17.32 -3.50 -27.00
N TRP B 330 -17.13 -4.40 -26.04
CA TRP B 330 -16.97 -4.00 -24.64
C TRP B 330 -15.64 -3.29 -24.46
N ASN B 331 -15.67 -2.15 -23.76
CA ASN B 331 -14.48 -1.34 -23.52
C ASN B 331 -13.64 -1.82 -22.33
N ASN B 332 -13.90 -3.02 -21.82
CA ASN B 332 -13.09 -3.68 -20.76
C ASN B 332 -13.31 -3.08 -19.38
N LEU B 333 -14.25 -2.14 -19.21
CA LEU B 333 -14.51 -1.53 -17.93
C LEU B 333 -15.76 -2.11 -17.30
N LYS B 334 -15.80 -2.07 -15.97
CA LYS B 334 -17.01 -2.27 -15.17
C LYS B 334 -17.30 -0.88 -14.59
N GLU B 335 -18.08 -0.07 -15.31
CA GLU B 335 -18.35 1.31 -14.96
C GLU B 335 -19.86 1.52 -14.98
N ASP B 336 -20.30 2.65 -14.41
CA ASP B 336 -21.73 2.97 -14.33
C ASP B 336 -21.91 4.42 -14.75
N LYS B 337 -21.79 4.67 -16.06
CA LYS B 337 -21.76 6.05 -16.55
C LYS B 337 -23.10 6.74 -16.37
N ASN B 338 -24.21 6.00 -16.50
CA ASN B 338 -25.54 6.57 -16.37
C ASN B 338 -26.06 6.49 -14.95
N HIS B 339 -25.21 6.11 -14.00
CA HIS B 339 -25.56 6.09 -12.57
C HIS B 339 -26.91 5.44 -12.32
N ASP B 340 -27.15 4.31 -12.97
CA ASP B 340 -28.38 3.56 -12.72
C ASP B 340 -28.19 2.40 -11.78
N GLY B 341 -27.00 2.25 -11.19
CA GLY B 341 -26.76 1.19 -10.24
C GLY B 341 -26.38 -0.15 -10.85
N TYR B 342 -26.17 -0.22 -12.16
CA TYR B 342 -25.76 -1.45 -12.82
C TYR B 342 -24.56 -1.16 -13.72
N TYR B 343 -23.62 -2.09 -13.78
CA TYR B 343 -22.49 -1.93 -14.69
C TYR B 343 -23.01 -1.88 -16.12
N ASP B 344 -22.40 -1.03 -16.93
CA ASP B 344 -22.99 -0.68 -18.21
C ASP B 344 -22.92 -1.83 -19.22
N ALA B 345 -21.90 -2.69 -19.15
CA ALA B 345 -21.73 -3.77 -20.11
C ALA B 345 -22.18 -5.08 -19.49
N GLY B 346 -23.27 -5.66 -20.03
CA GLY B 346 -23.73 -6.94 -19.55
C GLY B 346 -22.72 -8.06 -19.76
N VAL B 347 -21.95 -8.01 -20.85
CA VAL B 347 -20.96 -9.05 -21.09
C VAL B 347 -19.87 -9.07 -20.01
N ALA B 348 -19.69 -7.98 -19.26
CA ALA B 348 -18.73 -8.01 -18.16
C ALA B 348 -19.13 -9.02 -17.11
N ALA B 349 -20.44 -9.22 -16.90
CA ALA B 349 -20.87 -10.23 -15.95
C ALA B 349 -20.55 -11.64 -16.44
N PHE B 350 -20.76 -11.88 -17.74
CA PHE B 350 -20.30 -13.13 -18.32
C PHE B 350 -18.80 -13.32 -18.13
N PHE B 351 -18.01 -12.27 -18.42
CA PHE B 351 -16.56 -12.39 -18.38
C PHE B 351 -16.06 -12.69 -16.97
N ASP B 352 -16.65 -12.04 -15.97
CA ASP B 352 -16.29 -12.31 -14.58
C ASP B 352 -16.50 -13.78 -14.24
N GLU B 353 -17.65 -14.33 -14.62
CA GLU B 353 -17.94 -15.71 -14.31
C GLU B 353 -17.07 -16.66 -15.13
N TRP B 354 -16.84 -16.33 -16.41
CA TRP B 354 -15.94 -17.10 -17.25
C TRP B 354 -14.58 -17.22 -16.57
N TRP B 355 -14.03 -16.10 -16.08
CA TRP B 355 -12.71 -16.12 -15.46
C TRP B 355 -12.70 -17.00 -14.22
N ASN B 356 -13.69 -16.83 -13.34
CA ASN B 356 -13.72 -17.62 -12.12
C ASN B 356 -13.75 -19.11 -12.44
N ASN B 357 -14.56 -19.49 -13.43
CA ASN B 357 -14.65 -20.88 -13.82
C ASN B 357 -13.31 -21.37 -14.40
N THR B 358 -12.69 -20.55 -15.25
CA THR B 358 -11.44 -20.92 -15.88
C THR B 358 -10.32 -21.11 -14.86
N HIS B 359 -10.20 -20.17 -13.93
CA HIS B 359 -9.16 -20.29 -12.91
C HIS B 359 -9.31 -21.59 -12.14
N ASP B 360 -10.53 -21.94 -11.74
CA ASP B 360 -10.73 -23.16 -10.98
C ASP B 360 -10.42 -24.40 -11.79
N LYS B 361 -10.82 -24.43 -13.06
CA LYS B 361 -10.53 -25.59 -13.88
C LYS B 361 -9.04 -25.73 -14.16
N LEU B 362 -8.31 -24.62 -14.23
CA LEU B 362 -6.89 -24.67 -14.50
C LEU B 362 -6.13 -25.33 -13.36
N PHE B 363 -6.51 -25.04 -12.11
CA PHE B 363 -5.65 -25.38 -10.99
C PHE B 363 -6.24 -26.32 -9.95
N ASN B 364 -7.54 -26.57 -9.93
CA ASN B 364 -8.10 -27.32 -8.81
C ASN B 364 -7.55 -28.73 -8.76
N ASP B 365 -7.34 -29.37 -9.92
CA ASP B 365 -6.94 -30.76 -9.94
C ASP B 365 -5.49 -30.98 -9.49
N SER B 366 -4.65 -29.94 -9.52
CA SER B 366 -3.25 -30.05 -9.14
C SER B 366 -2.92 -29.29 -7.86
N LEU B 367 -3.50 -28.10 -7.69
CA LEU B 367 -3.22 -27.23 -6.57
C LEU B 367 -4.34 -27.20 -5.56
N GLY B 368 -5.43 -27.93 -5.79
CA GLY B 368 -6.51 -27.95 -4.81
C GLY B 368 -6.04 -28.27 -3.41
N ILE B 369 -5.07 -29.19 -3.29
CA ILE B 369 -4.56 -29.57 -1.99
C ILE B 369 -3.66 -28.51 -1.35
N VAL B 370 -3.36 -27.42 -2.05
CA VAL B 370 -2.63 -26.32 -1.44
C VAL B 370 -3.34 -25.02 -1.75
N SER B 371 -4.63 -25.05 -2.04
CA SER B 371 -5.25 -23.83 -2.57
C SER B 371 -5.41 -22.75 -1.50
N ASP B 372 -5.41 -23.13 -0.22
CA ASP B 372 -5.43 -22.16 0.86
C ASP B 372 -4.21 -21.25 0.84
N LEU B 373 -3.17 -21.63 0.12
CA LEU B 373 -1.98 -20.80 -0.05
C LEU B 373 -1.73 -20.39 -1.50
N THR B 374 -2.17 -21.16 -2.49
CA THR B 374 -1.84 -20.82 -3.88
C THR B 374 -2.89 -19.98 -4.57
N ARG B 375 -4.16 -20.00 -4.13
CA ARG B 375 -5.14 -19.18 -4.83
C ARG B 375 -4.77 -17.70 -4.76
N GLU B 376 -4.17 -17.27 -3.68
CA GLU B 376 -3.77 -15.87 -3.56
C GLU B 376 -2.65 -15.53 -4.53
N ILE B 377 -1.93 -16.52 -5.04
CA ILE B 377 -0.91 -16.34 -6.07
C ILE B 377 -1.51 -16.42 -7.46
N THR B 378 -2.27 -17.48 -7.75
CA THR B 378 -2.70 -17.72 -9.11
C THR B 378 -3.86 -16.82 -9.52
N ASP B 379 -4.59 -16.23 -8.58
CA ASP B 379 -5.66 -15.29 -8.86
C ASP B 379 -5.38 -13.95 -8.19
N HIS B 380 -4.14 -13.51 -8.22
CA HIS B 380 -3.69 -12.31 -7.53
C HIS B 380 -4.32 -11.05 -8.10
N ARG B 381 -4.52 -10.04 -7.26
CA ARG B 381 -5.16 -8.83 -7.74
C ARG B 381 -4.31 -8.05 -8.73
N MET B 382 -3.01 -8.27 -8.75
CA MET B 382 -2.14 -7.57 -9.70
C MET B 382 -2.02 -8.27 -11.02
N GLY B 383 -2.38 -9.53 -11.13
CA GLY B 383 -2.27 -10.27 -12.38
C GLY B 383 -2.31 -11.75 -12.14
N ALA B 384 -2.50 -12.49 -13.22
CA ALA B 384 -2.58 -13.95 -13.20
C ALA B 384 -1.64 -14.53 -14.27
N THR B 385 -0.36 -14.30 -14.05
CA THR B 385 0.66 -14.62 -15.06
C THR B 385 0.67 -16.10 -15.40
N LEU B 386 0.70 -16.97 -14.39
CA LEU B 386 0.78 -18.40 -14.67
C LEU B 386 -0.41 -18.86 -15.47
N ALA B 387 -1.62 -18.44 -15.07
CA ALA B 387 -2.81 -18.79 -15.83
C ALA B 387 -2.70 -18.32 -17.27
N TYR B 388 -2.19 -17.10 -17.48
CA TYR B 388 -1.99 -16.60 -18.83
C TYR B 388 -1.05 -17.50 -19.61
N LYS B 389 0.08 -17.86 -19.03
CA LYS B 389 1.06 -18.67 -19.73
C LYS B 389 0.48 -20.04 -20.08
N VAL B 390 -0.26 -20.64 -19.17
CA VAL B 390 -0.85 -21.95 -19.46
C VAL B 390 -1.85 -21.83 -20.60
N LEU B 391 -2.73 -20.85 -20.55
CA LEU B 391 -3.78 -20.75 -21.55
C LEU B 391 -3.24 -20.31 -22.90
N SER B 392 -2.15 -19.55 -22.91
CA SER B 392 -1.57 -19.07 -24.16
C SER B 392 -0.56 -20.03 -24.75
N GLY B 393 -0.17 -21.07 -24.03
CA GLY B 393 0.80 -22.02 -24.53
C GLY B 393 2.24 -21.54 -24.47
N GLU B 394 2.54 -20.59 -23.62
CA GLU B 394 3.89 -20.09 -23.47
C GLU B 394 4.67 -20.96 -22.51
N PRO B 395 6.00 -20.93 -22.56
CA PRO B 395 6.80 -21.90 -21.81
C PRO B 395 6.56 -21.79 -20.31
N THR B 396 6.39 -22.94 -19.66
CA THR B 396 6.32 -23.04 -18.20
C THR B 396 7.25 -24.16 -17.75
N ASN B 397 7.61 -24.15 -16.46
CA ASN B 397 8.50 -25.19 -15.94
C ASN B 397 7.79 -26.53 -15.81
N TYR B 398 6.54 -26.51 -15.34
CA TYR B 398 5.70 -27.69 -15.25
C TYR B 398 4.70 -27.64 -16.38
N GLN B 399 4.34 -28.79 -16.94
CA GLN B 399 3.36 -28.84 -18.02
C GLN B 399 1.97 -28.97 -17.42
N TRP B 400 1.36 -27.84 -17.09
CA TRP B 400 0.06 -27.81 -16.44
C TRP B 400 -1.03 -28.36 -17.34
N LYS B 401 -1.09 -27.91 -18.59
CA LYS B 401 -2.14 -28.31 -19.50
C LYS B 401 -1.58 -28.21 -20.91
N SER B 402 -1.92 -29.17 -21.77
CA SER B 402 -1.60 -28.99 -23.17
C SER B 402 -2.53 -27.94 -23.78
N ALA B 403 -2.22 -27.49 -25.00
CA ALA B 403 -3.05 -26.50 -25.65
C ALA B 403 -4.47 -27.04 -25.85
N ALA B 404 -4.60 -28.32 -26.19
CA ALA B 404 -5.93 -28.90 -26.36
C ALA B 404 -6.71 -28.86 -25.05
N ALA B 405 -6.07 -29.24 -23.95
CA ALA B 405 -6.73 -29.23 -22.65
C ALA B 405 -7.08 -27.80 -22.23
N ALA B 406 -6.19 -26.83 -22.52
CA ALA B 406 -6.48 -25.44 -22.19
C ALA B 406 -7.69 -24.93 -22.95
N GLU B 407 -7.79 -25.28 -24.23
CA GLU B 407 -8.92 -24.81 -25.02
C GLU B 407 -10.22 -25.41 -24.53
N LYS B 408 -10.19 -26.68 -24.14
CA LYS B 408 -11.38 -27.30 -23.57
C LYS B 408 -11.81 -26.58 -22.31
N ILE B 409 -10.87 -26.16 -21.46
CA ILE B 409 -11.20 -25.39 -20.26
C ILE B 409 -11.89 -24.10 -20.63
N ILE B 410 -11.34 -23.37 -21.61
CA ILE B 410 -11.93 -22.10 -22.01
C ILE B 410 -13.37 -22.30 -22.46
N LEU B 411 -13.61 -23.39 -23.21
CA LEU B 411 -14.93 -23.67 -23.75
C LEU B 411 -15.90 -24.12 -22.66
N GLU B 412 -15.46 -25.04 -21.79
CA GLU B 412 -16.34 -25.48 -20.71
C GLU B 412 -16.73 -24.30 -19.82
N SER B 413 -15.77 -23.43 -19.52
CA SER B 413 -16.05 -22.29 -18.66
C SER B 413 -17.04 -21.34 -19.32
N THR B 414 -16.95 -21.19 -20.64
CA THR B 414 -17.89 -20.37 -21.37
C THR B 414 -19.28 -20.97 -21.32
N ASP B 415 -19.38 -22.27 -21.58
CA ASP B 415 -20.69 -22.92 -21.60
C ASP B 415 -21.34 -22.81 -20.24
N GLU B 416 -20.58 -23.03 -19.17
CA GLU B 416 -21.17 -22.98 -17.83
C GLU B 416 -21.63 -21.57 -17.48
N ALA B 417 -20.82 -20.57 -17.79
CA ALA B 417 -21.17 -19.20 -17.47
C ALA B 417 -22.41 -18.76 -18.25
N LEU B 418 -22.45 -19.10 -19.54
CA LEU B 418 -23.60 -18.74 -20.36
C LEU B 418 -24.85 -19.48 -19.90
N ALA B 419 -24.72 -20.76 -19.55
CA ALA B 419 -25.89 -21.51 -19.10
C ALA B 419 -26.51 -20.88 -17.85
N LYS B 420 -25.67 -20.43 -16.91
CA LYS B 420 -26.20 -19.81 -15.70
C LYS B 420 -26.88 -18.49 -16.00
N LEU B 421 -26.29 -17.67 -16.87
CA LEU B 421 -26.92 -16.41 -17.24
C LEU B 421 -28.23 -16.64 -17.98
N HIS B 422 -28.25 -17.61 -18.92
CA HIS B 422 -29.50 -17.93 -19.61
C HIS B 422 -30.57 -18.38 -18.64
N LYS B 423 -30.18 -19.14 -17.61
CA LYS B 423 -31.15 -19.68 -16.67
C LYS B 423 -31.73 -18.60 -15.77
N GLU B 424 -30.92 -17.62 -15.39
CA GLU B 424 -31.29 -16.67 -14.35
C GLU B 424 -31.62 -15.27 -14.85
N LYS B 425 -31.19 -14.91 -16.05
CA LYS B 425 -31.39 -13.55 -16.54
C LYS B 425 -31.97 -13.49 -17.94
N GLY B 426 -31.58 -14.40 -18.81
CA GLY B 426 -32.09 -14.42 -20.17
C GLY B 426 -30.95 -14.46 -21.16
N GLU B 427 -31.30 -14.26 -22.44
CA GLU B 427 -30.34 -14.48 -23.52
C GLU B 427 -29.70 -13.20 -24.04
N GLU B 428 -30.28 -12.04 -23.77
CA GLU B 428 -29.72 -10.77 -24.21
C GLU B 428 -28.74 -10.25 -23.16
N ALA B 429 -27.59 -9.77 -23.63
CA ALA B 429 -26.53 -9.34 -22.72
C ALA B 429 -26.99 -8.20 -21.81
N ASP B 430 -27.89 -7.34 -22.27
CA ASP B 430 -28.34 -6.26 -21.39
C ASP B 430 -29.03 -6.79 -20.15
N LYS B 431 -29.63 -7.99 -20.22
CA LYS B 431 -30.21 -8.59 -19.03
C LYS B 431 -29.17 -9.12 -18.05
N TRP B 432 -27.91 -9.24 -18.46
CA TRP B 432 -26.87 -9.78 -17.59
C TRP B 432 -26.22 -8.72 -16.72
N ARG B 433 -26.48 -7.44 -16.99
CA ARG B 433 -25.79 -6.37 -16.27
C ARG B 433 -25.88 -6.57 -14.76
N ALA B 434 -24.74 -6.51 -14.10
CA ALA B 434 -24.67 -6.81 -12.68
C ALA B 434 -24.85 -5.53 -11.85
N PRO B 435 -25.50 -5.63 -10.70
CA PRO B 435 -25.59 -4.46 -9.82
C PRO B 435 -24.19 -4.03 -9.38
N ILE B 436 -24.00 -2.72 -9.25
CA ILE B 436 -22.68 -2.22 -8.88
C ILE B 436 -22.33 -2.65 -7.47
N LYS B 437 -21.04 -2.89 -7.24
CA LYS B 437 -20.51 -3.08 -5.89
C LYS B 437 -20.21 -1.72 -5.31
N THR B 438 -20.62 -1.52 -4.06
CA THR B 438 -20.37 -0.26 -3.37
C THR B 438 -19.46 -0.49 -2.19
N MET B 439 -19.00 0.60 -1.62
N MET B 439 -18.93 0.63 -1.68
CA MET B 439 -18.22 0.54 -0.41
CA MET B 439 -18.00 0.69 -0.57
C MET B 439 -18.64 1.72 0.45
C MET B 439 -18.38 1.87 0.33
N THR B 440 -18.02 1.78 1.61
CA THR B 440 -18.17 2.89 2.53
C THR B 440 -16.81 3.19 3.13
N PHE B 441 -16.69 4.39 3.69
CA PHE B 441 -15.50 4.83 4.42
C PHE B 441 -15.72 4.43 5.88
N GLY B 442 -15.24 3.23 6.22
CA GLY B 442 -15.57 2.58 7.48
C GLY B 442 -14.65 2.96 8.63
N ALA B 443 -14.80 2.23 9.73
CA ALA B 443 -14.18 2.54 11.00
C ALA B 443 -12.81 1.89 11.19
N LYS B 444 -12.43 0.96 10.34
CA LYS B 444 -11.26 0.14 10.57
C LYS B 444 -10.39 0.14 9.33
N SER B 445 -9.15 0.57 9.47
CA SER B 445 -8.22 0.66 8.36
C SER B 445 -7.37 -0.61 8.26
N LEU B 446 -6.36 -0.55 7.40
CA LEU B 446 -5.42 -1.64 7.23
C LEU B 446 -4.61 -1.94 8.51
N ILE B 447 -4.57 -1.05 9.50
CA ILE B 447 -3.89 -1.38 10.75
C ILE B 447 -4.75 -2.30 11.61
N ALA B 448 -5.99 -2.57 11.19
CA ALA B 448 -6.82 -3.67 11.68
C ALA B 448 -7.37 -3.43 13.08
N ILE B 449 -7.46 -2.16 13.47
CA ILE B 449 -8.11 -1.78 14.73
C ILE B 449 -9.00 -0.57 14.46
N PRO B 450 -10.04 -0.40 15.28
CA PRO B 450 -10.99 0.70 15.00
C PRO B 450 -10.39 2.04 15.41
N HIS B 451 -10.64 3.09 14.62
CA HIS B 451 -10.13 4.41 14.95
C HIS B 451 -11.18 5.51 14.91
N GLY B 452 -12.45 5.15 14.85
CA GLY B 452 -13.52 6.11 14.75
C GLY B 452 -14.80 5.36 14.49
N TYR B 453 -15.82 6.10 14.07
CA TYR B 453 -17.14 5.52 13.86
C TYR B 453 -17.46 5.28 12.39
N GLY B 454 -16.63 5.73 11.48
CA GLY B 454 -16.88 5.51 10.09
C GLY B 454 -17.96 6.40 9.52
N SER B 455 -18.43 6.00 8.34
CA SER B 455 -19.47 6.67 7.59
C SER B 455 -20.26 5.59 6.87
N LYS B 456 -21.57 5.78 6.75
CA LYS B 456 -22.40 4.80 6.05
C LYS B 456 -22.72 5.21 4.60
N THR B 457 -22.14 6.30 4.11
CA THR B 457 -22.46 6.78 2.78
C THR B 457 -21.82 5.87 1.73
N GLU B 458 -22.65 5.29 0.87
CA GLU B 458 -22.19 4.33 -0.12
C GLU B 458 -21.78 5.02 -1.39
N ILE B 459 -20.63 4.61 -1.92
CA ILE B 459 -20.20 5.01 -3.26
C ILE B 459 -19.71 3.78 -4.01
N ILE B 460 -19.66 3.89 -5.33
CA ILE B 460 -19.22 2.79 -6.15
C ILE B 460 -17.77 2.42 -5.79
N GLU B 461 -17.51 1.12 -5.73
CA GLU B 461 -16.15 0.63 -5.56
C GLU B 461 -15.27 1.04 -6.75
N MET B 462 -14.07 1.50 -6.47
CA MET B 462 -13.11 1.93 -7.48
C MET B 462 -11.75 1.39 -7.08
N ASN B 463 -11.02 0.89 -8.06
CA ASN B 463 -9.66 0.37 -7.84
C ASN B 463 -8.72 1.55 -8.02
N ARG B 464 -8.68 2.39 -6.99
CA ARG B 464 -8.24 3.77 -7.11
C ARG B 464 -7.54 4.18 -5.82
N GLY B 465 -6.68 5.18 -5.93
CA GLY B 465 -6.08 5.76 -4.76
C GLY B 465 -7.11 6.30 -3.78
N SER B 466 -6.72 6.26 -2.51
CA SER B 466 -7.49 6.84 -1.41
C SER B 466 -7.46 8.37 -1.45
N GLU B 467 -6.50 8.96 -2.16
CA GLU B 467 -6.50 10.38 -2.53
C GLU B 467 -5.93 10.41 -3.93
N ASN B 468 -6.11 11.54 -4.60
CA ASN B 468 -5.40 11.78 -5.84
C ASN B 468 -4.95 13.23 -5.90
N HIS B 469 -3.70 13.47 -6.33
CA HIS B 469 -3.21 14.78 -6.71
C HIS B 469 -2.83 14.73 -8.18
N TYR B 470 -3.10 15.83 -8.87
CA TYR B 470 -2.70 16.07 -10.23
C TYR B 470 -1.98 17.41 -10.21
N ILE B 471 -0.67 17.43 -10.51
CA ILE B 471 0.16 18.61 -10.32
C ILE B 471 0.93 18.87 -11.60
N GLU B 472 0.88 20.13 -12.02
CA GLU B 472 1.70 20.64 -13.11
C GLU B 472 2.71 21.61 -12.52
N MET B 473 4.00 21.37 -12.78
CA MET B 473 5.04 22.25 -12.24
C MET B 473 5.30 23.39 -13.23
N THR B 474 4.42 24.42 -13.16
CA THR B 474 4.56 25.57 -14.05
C THR B 474 5.74 26.40 -13.59
N PRO B 475 6.25 27.28 -14.46
CA PRO B 475 7.40 28.11 -14.04
C PRO B 475 7.11 28.89 -12.77
N LYS B 476 5.88 29.37 -12.61
CA LYS B 476 5.53 30.20 -11.45
C LYS B 476 5.44 29.37 -10.17
N GLN B 477 4.75 28.21 -10.23
CA GLN B 477 4.42 27.45 -9.03
C GLN B 477 3.76 26.13 -9.41
N PRO B 478 3.72 25.17 -8.49
CA PRO B 478 2.87 23.99 -8.69
C PRO B 478 1.41 24.44 -8.82
N GLU B 479 0.70 23.83 -9.76
CA GLU B 479 -0.71 24.10 -10.00
C GLU B 479 -1.38 22.75 -10.20
N GLY B 480 -2.68 22.69 -9.99
CA GLY B 480 -3.45 21.49 -10.32
C GLY B 480 -4.65 21.33 -9.42
N PHE B 481 -4.95 20.07 -9.09
CA PHE B 481 -6.18 19.78 -8.38
C PHE B 481 -6.05 18.44 -7.66
N ASN B 482 -6.88 18.23 -6.66
N ASN B 482 -6.90 18.22 -6.68
CA ASN B 482 -6.78 17.03 -5.84
CA ASN B 482 -6.78 17.04 -5.82
C ASN B 482 -8.09 16.76 -5.11
C ASN B 482 -8.13 16.71 -5.20
N VAL B 483 -8.14 15.59 -4.47
CA VAL B 483 -9.27 15.19 -3.64
C VAL B 483 -8.73 14.26 -2.55
N THR B 484 -9.20 14.47 -1.32
CA THR B 484 -8.72 13.74 -0.16
C THR B 484 -9.92 13.31 0.66
N PRO B 485 -10.68 12.32 0.18
CA PRO B 485 -11.88 11.88 0.89
C PRO B 485 -11.52 11.19 2.20
N PRO B 486 -12.45 11.15 3.14
CA PRO B 486 -13.84 11.62 3.02
C PRO B 486 -13.99 13.11 3.28
N GLY B 487 -13.06 13.68 4.03
CA GLY B 487 -13.09 15.09 4.41
C GLY B 487 -11.94 15.30 5.37
N GLN B 488 -11.73 16.54 5.73
CA GLN B 488 -10.55 16.88 6.52
C GLN B 488 -10.66 16.53 7.98
N ILE B 489 -11.84 16.69 8.57
CA ILE B 489 -11.99 16.75 10.02
C ILE B 489 -12.73 15.51 10.51
N GLY B 490 -12.15 14.80 11.45
CA GLY B 490 -12.74 13.61 12.02
C GLY B 490 -13.53 13.81 13.30
N PHE B 491 -13.59 15.03 13.82
CA PHE B 491 -14.22 15.30 15.10
C PHE B 491 -15.72 15.13 15.03
N ILE B 492 -16.25 14.39 16.00
CA ILE B 492 -17.67 14.26 16.26
C ILE B 492 -17.86 14.76 17.68
N HIS B 493 -18.76 15.72 17.85
CA HIS B 493 -19.04 16.26 19.17
C HIS B 493 -19.70 15.20 20.04
N LYS B 494 -19.50 15.32 21.35
CA LYS B 494 -20.15 14.50 22.36
C LYS B 494 -21.63 14.25 22.07
N ASP B 495 -22.35 15.28 21.61
CA ASP B 495 -23.79 15.14 21.38
C ASP B 495 -24.12 14.49 20.04
N GLY B 496 -23.14 14.14 19.23
CA GLY B 496 -23.37 13.51 17.96
C GLY B 496 -23.23 14.42 16.75
N THR B 497 -23.03 15.72 16.97
CA THR B 497 -22.93 16.63 15.84
C THR B 497 -21.64 16.37 15.06
N LEU B 498 -21.79 16.18 13.76
CA LEU B 498 -20.65 15.92 12.89
C LEU B 498 -20.05 17.23 12.41
N SER B 499 -18.72 17.25 12.31
CA SER B 499 -18.06 18.37 11.66
C SER B 499 -18.63 18.52 10.26
N GLU B 500 -18.82 19.77 9.83
CA GLU B 500 -19.22 19.98 8.44
C GLU B 500 -18.17 19.47 7.46
N HIS B 501 -16.94 19.19 7.91
CA HIS B 501 -15.88 18.71 7.04
C HIS B 501 -15.57 17.25 7.30
N TYR B 502 -16.55 16.50 7.80
CA TYR B 502 -16.38 15.07 8.05
C TYR B 502 -16.41 14.26 6.76
N GLU B 503 -17.31 14.61 5.84
CA GLU B 503 -17.44 13.83 4.62
C GLU B 503 -17.82 14.69 3.43
N ASP B 504 -17.36 15.93 3.41
CA ASP B 504 -17.70 16.87 2.35
C ASP B 504 -16.83 16.75 1.11
N GLN B 505 -15.93 15.77 1.05
CA GLN B 505 -15.22 15.46 -0.19
C GLN B 505 -15.63 14.13 -0.79
N LEU B 506 -16.61 13.46 -0.19
CA LEU B 506 -17.06 12.18 -0.77
C LEU B 506 -17.70 12.38 -2.13
N SER B 507 -18.54 13.42 -2.29
CA SER B 507 -19.17 13.66 -3.57
C SER B 507 -18.14 13.95 -4.66
N LEU B 508 -17.13 14.76 -4.35
CA LEU B 508 -16.08 15.01 -5.32
C LEU B 508 -15.46 13.69 -5.75
N TYR B 509 -15.06 12.87 -4.78
CA TYR B 509 -14.41 11.61 -5.07
C TYR B 509 -15.28 10.72 -5.95
N ALA B 510 -16.57 10.57 -5.58
CA ALA B 510 -17.45 9.68 -6.31
C ALA B 510 -17.73 10.19 -7.72
N ASN B 511 -17.68 11.50 -7.94
CA ASN B 511 -18.11 12.06 -9.22
C ASN B 511 -16.95 12.56 -10.07
N TRP B 512 -15.72 12.17 -9.75
CA TRP B 512 -14.57 12.50 -10.59
C TRP B 512 -14.43 14.01 -10.73
N LYS B 513 -14.67 14.71 -9.63
CA LYS B 513 -14.44 16.13 -9.49
C LYS B 513 -13.39 16.37 -8.42
N PHE B 514 -12.79 17.56 -8.44
CA PHE B 514 -11.61 17.84 -7.65
C PHE B 514 -11.67 19.28 -7.17
N LYS B 515 -10.90 19.56 -6.16
CA LYS B 515 -10.76 20.91 -5.64
C LYS B 515 -9.39 21.45 -6.03
N PRO B 516 -9.24 22.77 -6.12
CA PRO B 516 -7.98 23.31 -6.64
C PRO B 516 -6.83 23.10 -5.68
N PHE B 517 -5.66 22.79 -6.25
CA PHE B 517 -4.43 22.78 -5.48
C PHE B 517 -4.02 24.21 -5.21
N LEU B 518 -3.92 24.54 -3.93
CA LEU B 518 -3.66 25.89 -3.47
C LEU B 518 -2.19 25.98 -3.10
N PHE B 519 -1.51 27.01 -3.60
CA PHE B 519 -0.11 27.20 -3.25
C PHE B 519 0.18 28.65 -2.87
N ASP B 520 -0.27 29.59 -3.71
CA ASP B 520 -0.10 31.02 -3.47
C ASP B 520 -1.02 31.46 -2.34
N LYS B 521 -0.46 32.21 -1.38
CA LYS B 521 -1.25 32.62 -0.21
C LYS B 521 -2.47 33.43 -0.61
N LYS B 522 -2.39 34.20 -1.69
CA LYS B 522 -3.56 34.97 -2.11
C LYS B 522 -4.71 34.05 -2.49
N ASP B 523 -4.39 32.88 -3.07
CA ASP B 523 -5.41 31.89 -3.39
C ASP B 523 -5.92 31.19 -2.14
N VAL B 524 -5.02 30.88 -1.21
CA VAL B 524 -5.42 30.22 0.03
C VAL B 524 -6.45 31.05 0.78
N LYS B 525 -6.23 32.37 0.86
CA LYS B 525 -7.10 33.21 1.67
C LYS B 525 -8.53 33.28 1.12
N ARG B 526 -8.73 32.99 -0.16
CA ARG B 526 -10.05 33.02 -0.76
C ARG B 526 -10.58 31.64 -1.10
N ALA B 527 -9.89 30.59 -0.69
CA ALA B 527 -10.25 29.22 -1.06
C ALA B 527 -11.29 28.63 -0.11
N1 EPE C . -4.28 -2.64 0.10
C2 EPE C . -4.66 -1.36 0.72
C3 EPE C . -5.22 -1.63 2.11
N4 EPE C . -6.31 -2.59 2.04
C5 EPE C . -6.10 -3.80 1.28
C6 EPE C . -5.47 -3.48 -0.08
C7 EPE C . -7.05 -2.80 3.29
C8 EPE C . -7.82 -1.58 3.77
O8 EPE C . -8.46 -1.92 4.98
C9 EPE C . -3.74 -2.38 -1.24
C10 EPE C . -2.29 -1.93 -1.10
S EPE C . -1.39 -2.03 -2.66
O1S EPE C . -2.17 -1.33 -3.70
O2S EPE C . -1.30 -3.47 -3.02
O3S EPE C . -0.03 -1.50 -2.45
H21 EPE C . -5.40 -0.86 0.10
H22 EPE C . -3.79 -0.71 0.79
H31 EPE C . -4.44 -2.01 2.76
H32 EPE C . -5.59 -0.69 2.53
H51 EPE C . -7.05 -4.31 1.13
H52 EPE C . -5.44 -4.47 1.82
H61 EPE C . -6.20 -2.96 -0.71
H62 EPE C . -5.20 -4.41 -0.59
H71 EPE C . -7.75 -3.62 3.14
H72 EPE C . -6.34 -3.10 4.06
H81 EPE C . -8.55 -1.28 3.01
H82 EPE C . -7.14 -0.74 3.92
HO8 EPE C . -8.19 -2.82 5.26
H91 EPE C . -3.80 -3.27 -1.85
H92 EPE C . -4.33 -1.61 -1.73
H101 EPE C . -2.28 -0.90 -0.74
H102 EPE C . -1.80 -2.55 -0.36
O6 BU3 D . 1.14 4.34 -1.67
C3 BU3 D . 1.70 3.64 -0.56
C4 BU3 D . 0.68 2.96 0.32
C2 BU3 D . 2.65 4.60 0.18
O5 BU3 D . 3.36 5.37 -0.77
C1 BU3 D . 3.53 3.85 1.15
HO6 BU3 D . 1.51 4.08 -2.39
H3 BU3 D . 2.21 2.89 -0.91
H41 BU3 D . 1.11 2.37 0.95
H42 BU3 D . 0.17 3.62 0.82
H43 BU3 D . 0.05 2.43 -0.20
H2 BU3 D . 2.16 5.25 0.70
HO5 BU3 D . 2.97 6.10 -0.86
H11 BU3 D . 3.83 3.00 0.77
H12 BU3 D . 4.31 4.36 1.38
H13 BU3 D . 3.04 3.65 1.97
O6 BU3 E . -13.84 10.88 -18.92
C3 BU3 E . -14.59 10.55 -17.77
C4 BU3 E . -16.06 10.92 -17.91
C2 BU3 E . -13.95 11.15 -16.51
O5 BU3 E . -12.60 10.73 -16.36
C1 BU3 E . -14.79 10.88 -15.27
HO6 BU3 E . -14.01 10.33 -19.53
H3 BU3 E . -14.56 9.58 -17.70
H41 BU3 E . -16.22 11.80 -17.55
H42 BU3 E . -16.62 10.28 -17.44
H43 BU3 E . -16.33 10.91 -18.84
H2 BU3 E . -13.88 12.11 -16.64
HO5 BU3 E . -12.15 11.42 -16.13
H11 BU3 E . -15.30 10.06 -15.37
H12 BU3 E . -14.23 10.79 -14.49
H13 BU3 E . -15.41 11.60 -15.12
CA CA F . -25.20 1.73 -15.63
CA CA G . 12.95 -12.06 2.12
#